data_6FGB
#
_entry.id   6FGB
#
_cell.length_a   150.100
_cell.length_b   150.100
_cell.length_c   89.150
_cell.angle_alpha   90.00
_cell.angle_beta   90.00
_cell.angle_gamma   120.00
#
_symmetry.space_group_name_H-M   'P 32 2 1'
#
loop_
_entity.id
_entity.type
_entity.pdbx_description
1 polymer 'IgG receptor FcRn large subunit p51'
2 polymer Beta-2-microglobulin
3 polymer '1519.g57- Light chain'
4 polymer '1519.g57- Heavy chain'
5 non-polymer 'CHLORIDE ION'
6 non-polymer 'SODIUM ION'
7 water water
#
loop_
_entity_poly.entity_id
_entity_poly.type
_entity_poly.pdbx_seq_one_letter_code
_entity_poly.pdbx_strand_id
1 'polypeptide(L)'
;AESHLSLLYHLTAVSSPAPGTPAFWVSGWLGPQQYLSYNSLRGEAEPCGAWVWENQVSWYWEKETTDLRIKEKLFLEAFK
ALGGKGPYTLQGLLGCELGPDNTSVPTAKFALNGEEFMNFDLKQGTWGGDWPEALAISQRWQQQDKAANKELTFLLFSCP
HRLREHLERGRGNLEWKEPPSMRLKARPSSPGFSVLTCSAFSFYPPELQLRFLRNGLAAGTGQGDFGPNSDGSFHASSSL
TVKSGDEHHYCCIVQHAGLAQPLRVELESPAKSSVLVVGIVIGVLLLTAAAVGGALLWRRMRSGLPAPWISLRGDDTGVL
LPTPGEAQDADLKDVNVIPATA
;
A
2 'polypeptide(L)'
;IQRTPKIQVYSRHPAENGKSNFLNCYVSGFHPSDIEVDLLKNGERIEKVEHSDLSFSKDWSFYLLYYTEFTPTEKDEYAC
RVNHVTLSQPKIVKWDRDM
;
B
3 'polypeptide(L)'
;DIQMTQSPSSLSASVGDRVTITCKSSQSLVGASGKTYLYWLFQKPGKAPKRLIYLVSTLDSGIPSRFSGSGSGTEFTLTI
SSLQPEDFATYYCLQGTHFPHTFGQGTKLEIKRTVAAPSVFIFPPSDEQLKSGTASVVCLLNNFYPREAKVQWKVDNALQ
SGNSQESVTEQDSKDSTYSLSSTLTLSKADYEKHKVYACEVTHQGLSSPVTKSFNRGEC
;
L
4 'polypeptide(L)'
;EVPLVESGGGLVQPGGSLRLSCAVSGFTFSNYGMVWVRQAPGKGLEWVAYIDSDGDNTYYRDSVKGRFTISRDNAKSSLY
LQMNSLRAEDTAVYYCTTGIVRPFLYWGQGTLVTVSSASTKGPSVFPLAPSSKSTSGGTAALGCLVKDYFPEPVTVSWNS
GALTSGVHTFPAVLQSSGLYSLSSVVTVPSSSLGTQTYICNVNHKPSNTKVDKKVEPKSCDKTHTCAA
;
H
#
loop_
_chem_comp.id
_chem_comp.type
_chem_comp.name
_chem_comp.formula
CL non-polymer 'CHLORIDE ION' 'Cl -1'
NA non-polymer 'SODIUM ION' 'Na 1'
#
# COMPACT_ATOMS: atom_id res chain seq x y z
N HIS A 4 -18.39 13.68 -8.70
CA HIS A 4 -19.30 14.46 -7.80
C HIS A 4 -18.55 15.19 -6.65
N LEU A 5 -19.27 16.01 -5.90
CA LEU A 5 -18.66 17.00 -5.01
C LEU A 5 -18.34 16.44 -3.63
N SER A 6 -17.62 17.25 -2.84
CA SER A 6 -17.25 16.91 -1.49
C SER A 6 -17.70 18.03 -0.57
N LEU A 7 -17.76 17.73 0.72
CA LEU A 7 -17.86 18.76 1.72
C LEU A 7 -16.76 18.44 2.72
N LEU A 8 -15.75 19.29 2.79
CA LEU A 8 -14.59 19.03 3.63
C LEU A 8 -14.36 20.20 4.57
N TYR A 9 -14.09 19.89 5.83
CA TYR A 9 -13.74 20.90 6.82
C TYR A 9 -12.23 20.87 7.05
N HIS A 10 -11.59 22.04 6.98
CA HIS A 10 -10.16 22.17 7.28
C HIS A 10 -10.06 22.70 8.69
N LEU A 11 -9.47 21.91 9.59
CA LEU A 11 -9.36 22.32 10.99
C LEU A 11 -7.90 22.52 11.36
N THR A 12 -7.63 23.59 12.08
CA THR A 12 -6.29 23.88 12.52
C THR A 12 -6.39 24.43 13.92
N ALA A 13 -5.51 23.94 14.79
CA ALA A 13 -5.29 24.55 16.09
C ALA A 13 -3.80 24.73 16.31
N VAL A 14 -3.46 25.70 17.15
CA VAL A 14 -2.06 25.98 17.53
C VAL A 14 -1.90 26.12 19.05
N SER A 15 -0.76 25.66 19.58
CA SER A 15 -0.52 25.70 21.02
C SER A 15 -0.24 27.11 21.57
N SER A 16 0.39 27.98 20.77
CA SER A 16 0.57 29.39 21.15
C SER A 16 0.34 30.32 19.97
N PRO A 17 -0.91 30.81 19.84
CA PRO A 17 -1.22 31.76 18.80
C PRO A 17 -0.63 33.11 19.16
N ALA A 18 -0.33 33.92 18.14
CA ALA A 18 -0.01 35.33 18.37
C ALA A 18 -1.20 35.99 19.09
N PRO A 19 -0.95 37.05 19.87
CA PRO A 19 -2.12 37.77 20.44
C PRO A 19 -3.06 38.28 19.34
N GLY A 20 -4.36 38.06 19.53
CA GLY A 20 -5.36 38.44 18.53
C GLY A 20 -5.61 37.36 17.50
N THR A 21 -4.66 36.45 17.35
CA THR A 21 -4.84 35.25 16.55
C THR A 21 -5.71 34.27 17.33
N PRO A 22 -6.60 33.54 16.64
CA PRO A 22 -7.34 32.42 17.25
C PRO A 22 -6.47 31.20 17.46
N ALA A 23 -6.76 30.43 18.52
CA ALA A 23 -6.07 29.16 18.77
C ALA A 23 -6.53 28.12 17.75
N PHE A 24 -7.75 28.32 17.26
CA PHE A 24 -8.47 27.31 16.50
C PHE A 24 -9.35 27.95 15.44
N TRP A 25 -9.28 27.43 14.21
CA TRP A 25 -10.11 27.92 13.12
C TRP A 25 -10.39 26.87 12.03
N VAL A 26 -11.57 26.98 11.44
CA VAL A 26 -12.05 26.00 10.48
C VAL A 26 -12.48 26.72 9.22
N SER A 27 -12.08 26.19 8.08
CA SER A 27 -12.65 26.61 6.82
C SER A 27 -13.37 25.43 6.18
N GLY A 28 -14.64 25.63 5.84
CA GLY A 28 -15.44 24.59 5.21
C GLY A 28 -15.59 24.78 3.72
N TRP A 29 -15.52 23.68 2.97
CA TRP A 29 -15.41 23.72 1.53
C TRP A 29 -16.34 22.76 0.81
N LEU A 30 -17.19 23.30 -0.05
CA LEU A 30 -17.97 22.53 -1.01
C LEU A 30 -17.19 22.56 -2.30
N GLY A 31 -16.63 21.43 -2.70
CA GLY A 31 -15.68 21.44 -3.81
C GLY A 31 -14.59 22.46 -3.55
N PRO A 32 -14.21 23.25 -4.56
CA PRO A 32 -13.09 24.19 -4.40
C PRO A 32 -13.54 25.55 -3.90
N GLN A 33 -14.72 25.58 -3.32
CA GLN A 33 -15.43 26.81 -3.04
C GLN A 33 -15.67 26.80 -1.55
N GLN A 34 -15.24 27.85 -0.85
CA GLN A 34 -15.37 27.88 0.59
C GLN A 34 -16.72 28.39 0.98
N TYR A 35 -17.47 27.62 1.76
CA TYR A 35 -18.77 28.07 2.25
C TYR A 35 -18.77 28.49 3.71
N LEU A 36 -17.80 28.03 4.49
CA LEU A 36 -17.88 28.32 5.92
C LEU A 36 -16.60 28.89 6.56
N SER A 37 -16.79 29.73 7.56
CA SER A 37 -15.71 30.20 8.42
C SER A 37 -16.09 30.07 9.88
N TYR A 38 -15.12 29.60 10.67
CA TYR A 38 -15.24 29.60 12.11
C TYR A 38 -13.87 29.81 12.72
N ASN A 39 -13.79 30.66 13.73
CA ASN A 39 -12.64 30.66 14.63
C ASN A 39 -13.03 30.83 16.09
N SER A 40 -12.18 30.33 16.99
CA SER A 40 -12.44 30.30 18.43
C SER A 40 -12.62 31.67 19.08
N LEU A 41 -12.07 32.69 18.46
CA LEU A 41 -12.16 34.05 18.99
C LEU A 41 -13.62 34.50 18.95
N ARG A 42 -14.18 34.46 17.74
CA ARG A 42 -15.57 34.79 17.47
C ARG A 42 -16.49 33.71 18.04
N GLY A 43 -16.05 32.44 17.99
CA GLY A 43 -16.80 31.30 18.51
C GLY A 43 -18.12 30.98 17.82
N GLU A 44 -18.25 31.40 16.56
CA GLU A 44 -19.52 31.32 15.85
C GLU A 44 -19.24 31.02 14.38
N ALA A 45 -20.05 30.14 13.78
CA ALA A 45 -19.87 29.77 12.37
C ALA A 45 -20.59 30.74 11.43
N GLU A 46 -19.88 31.13 10.37
CA GLU A 46 -20.39 32.11 9.41
C GLU A 46 -20.37 31.51 8.02
N PRO A 47 -21.36 31.86 7.18
CA PRO A 47 -21.25 31.58 5.75
C PRO A 47 -20.26 32.53 5.07
N CYS A 48 -19.66 32.09 3.97
CA CYS A 48 -18.78 32.91 3.14
C CYS A 48 -19.32 33.00 1.72
N GLY A 49 -19.11 34.14 1.07
CA GLY A 49 -19.50 34.32 -0.32
C GLY A 49 -20.99 34.20 -0.53
N ALA A 50 -21.40 33.76 -1.71
CA ALA A 50 -22.80 33.68 -2.06
C ALA A 50 -23.59 32.95 -0.98
N TRP A 51 -22.91 32.06 -0.27
CA TRP A 51 -23.56 31.23 0.75
C TRP A 51 -24.19 32.01 1.89
N VAL A 52 -23.85 33.30 2.00
CA VAL A 52 -24.48 34.17 2.99
C VAL A 52 -25.96 34.32 2.64
N TRP A 53 -26.26 34.23 1.35
CA TRP A 53 -27.59 34.52 0.83
C TRP A 53 -28.37 33.29 0.41
N GLU A 54 -27.83 32.12 0.74
CA GLU A 54 -28.50 30.86 0.46
C GLU A 54 -29.85 30.81 1.16
N ASN A 55 -30.87 30.35 0.44
CA ASN A 55 -32.16 30.01 1.05
C ASN A 55 -31.96 28.74 1.89
N GLN A 56 -31.97 28.90 3.21
CA GLN A 56 -31.53 27.81 4.09
C GLN A 56 -32.43 27.60 5.30
N VAL A 57 -32.51 26.35 5.74
CA VAL A 57 -33.22 26.00 6.98
C VAL A 57 -32.69 26.91 8.09
N SER A 58 -33.59 27.40 8.91
CA SER A 58 -33.27 28.48 9.85
C SER A 58 -32.28 28.16 10.97
N TRP A 59 -32.02 26.88 11.22
CA TRP A 59 -31.14 26.45 12.31
C TRP A 59 -29.77 25.97 11.81
N TYR A 60 -29.53 26.11 10.50
CA TYR A 60 -28.31 25.61 9.88
C TYR A 60 -27.01 26.04 10.57
N TRP A 61 -26.83 27.35 10.78
CA TRP A 61 -25.56 27.85 11.28
C TRP A 61 -25.45 27.74 12.79
N GLU A 62 -26.58 27.54 13.45
CA GLU A 62 -26.56 27.12 14.85
C GLU A 62 -25.89 25.74 14.98
N LYS A 63 -26.23 24.83 14.07
CA LYS A 63 -25.78 23.45 14.16
C LYS A 63 -24.37 23.25 13.60
N GLU A 64 -23.88 24.21 12.82
CA GLU A 64 -22.47 24.22 12.40
C GLU A 64 -21.62 24.67 13.59
N THR A 65 -22.11 25.71 14.26
CA THR A 65 -21.47 26.28 15.44
C THR A 65 -21.37 25.28 16.60
N THR A 66 -22.48 24.61 16.92
CA THR A 66 -22.48 23.64 18.04
C THR A 66 -21.47 22.50 17.81
N ASP A 67 -21.41 21.98 16.58
CA ASP A 67 -20.50 20.88 16.25
C ASP A 67 -19.03 21.29 16.27
N LEU A 68 -18.75 22.51 15.85
CA LEU A 68 -17.37 22.96 15.75
C LEU A 68 -16.82 23.41 17.09
N ARG A 69 -17.70 23.83 17.99
CA ARG A 69 -17.28 24.11 19.36
C ARG A 69 -16.78 22.84 20.04
N ILE A 70 -17.50 21.74 19.84
CA ILE A 70 -17.06 20.41 20.30
C ILE A 70 -15.69 20.06 19.70
N LYS A 71 -15.56 20.24 18.39
CA LYS A 71 -14.29 19.97 17.74
C LYS A 71 -13.16 20.83 18.32
N GLU A 72 -13.50 22.06 18.71
CA GLU A 72 -12.56 23.03 19.30
C GLU A 72 -11.99 22.55 20.63
N LYS A 73 -12.88 22.17 21.54
CA LYS A 73 -12.46 21.71 22.86
C LYS A 73 -11.51 20.53 22.75
N LEU A 74 -11.86 19.58 21.89
CA LEU A 74 -11.01 18.40 21.69
C LEU A 74 -9.62 18.75 21.20
N PHE A 75 -9.51 19.72 20.29
CA PHE A 75 -8.22 20.09 19.68
C PHE A 75 -7.27 20.76 20.67
N LEU A 76 -7.82 21.59 21.55
CA LEU A 76 -7.04 22.21 22.61
C LEU A 76 -6.66 21.15 23.62
N GLU A 77 -7.57 20.18 23.80
CA GLU A 77 -7.37 19.08 24.73
C GLU A 77 -6.25 18.17 24.26
N ALA A 78 -6.11 18.02 22.95
CA ALA A 78 -5.00 17.26 22.39
C ALA A 78 -3.66 17.75 22.92
N PHE A 79 -3.49 19.06 23.02
CA PHE A 79 -2.23 19.68 23.44
C PHE A 79 -1.82 19.31 24.86
N LYS A 80 -2.75 19.39 25.81
CA LYS A 80 -2.51 18.97 27.18
C LYS A 80 -2.01 17.51 27.15
N ALA A 81 -2.86 16.63 26.65
CA ALA A 81 -2.58 15.20 26.55
C ALA A 81 -1.26 14.91 25.88
N LEU A 82 -0.94 15.71 24.87
CA LEU A 82 0.31 15.60 24.13
C LEU A 82 1.43 16.08 25.04
N GLY A 83 2.30 15.16 25.44
CA GLY A 83 3.29 15.49 26.45
C GLY A 83 4.20 16.56 25.91
N GLY A 84 4.34 17.65 26.66
CA GLY A 84 5.42 18.59 26.36
C GLY A 84 5.00 19.98 25.95
N LYS A 85 6.00 20.74 25.46
CA LYS A 85 5.88 22.19 25.29
C LYS A 85 5.82 22.71 23.85
N GLY A 86 5.93 21.81 22.87
CA GLY A 86 5.81 22.20 21.46
C GLY A 86 6.73 23.34 21.04
N PRO A 87 6.19 24.37 20.38
CA PRO A 87 4.80 24.56 20.00
C PRO A 87 4.30 23.48 19.03
N TYR A 88 3.02 23.17 19.11
CA TYR A 88 2.44 22.27 18.14
C TYR A 88 1.44 22.98 17.22
N THR A 89 1.17 22.35 16.09
CA THR A 89 0.07 22.73 15.20
C THR A 89 -0.67 21.46 14.86
N LEU A 90 -1.92 21.35 15.26
CA LEU A 90 -2.73 20.18 14.90
C LEU A 90 -3.73 20.48 13.79
N GLN A 91 -3.57 19.81 12.65
CA GLN A 91 -4.50 19.94 11.54
C GLN A 91 -5.35 18.68 11.37
N GLY A 92 -6.62 18.89 11.05
CA GLY A 92 -7.52 17.80 10.67
C GLY A 92 -8.29 18.07 9.38
N LEU A 93 -8.37 17.05 8.53
CA LEU A 93 -9.17 17.08 7.30
C LEU A 93 -10.38 16.17 7.47
N LEU A 94 -11.51 16.73 7.88
CA LEU A 94 -12.75 15.98 8.12
C LEU A 94 -13.80 16.28 7.06
N GLY A 95 -14.25 15.26 6.34
CA GLY A 95 -15.32 15.46 5.39
C GLY A 95 -15.94 14.22 4.80
N CYS A 96 -16.92 14.43 3.94
CA CYS A 96 -17.56 13.36 3.19
C CYS A 96 -17.44 13.61 1.70
N GLU A 97 -17.42 12.54 0.92
CA GLU A 97 -17.55 12.63 -0.52
C GLU A 97 -18.79 11.88 -0.95
N LEU A 98 -19.54 12.48 -1.86
CA LEU A 98 -20.75 11.90 -2.42
C LEU A 98 -20.43 11.42 -3.81
N GLY A 99 -20.50 10.09 -4.00
CA GLY A 99 -20.22 9.49 -5.30
C GLY A 99 -21.50 9.26 -6.08
N PRO A 100 -21.61 8.11 -6.77
CA PRO A 100 -22.87 7.81 -7.42
C PRO A 100 -23.70 7.03 -6.41
N ASP A 101 -24.98 6.85 -6.71
CA ASP A 101 -25.87 6.02 -5.87
C ASP A 101 -26.23 6.68 -4.54
N ASN A 102 -26.04 8.00 -4.44
CA ASN A 102 -26.38 8.71 -3.21
C ASN A 102 -25.53 8.26 -2.01
N THR A 103 -24.52 7.42 -2.28
CA THR A 103 -23.69 6.80 -1.24
C THR A 103 -22.54 7.69 -0.77
N SER A 104 -22.43 7.85 0.55
CA SER A 104 -21.43 8.74 1.17
C SER A 104 -20.16 8.05 1.73
N VAL A 105 -19.04 8.28 1.06
CA VAL A 105 -17.70 7.91 1.58
C VAL A 105 -17.19 8.97 2.59
N PRO A 106 -16.65 8.54 3.75
CA PRO A 106 -16.12 9.48 4.76
C PRO A 106 -14.58 9.62 4.78
N THR A 107 -14.09 10.72 5.34
CA THR A 107 -12.66 10.96 5.49
C THR A 107 -12.36 11.68 6.81
N ALA A 108 -11.33 11.23 7.52
CA ALA A 108 -10.87 11.89 8.75
C ALA A 108 -9.39 11.61 9.00
N LYS A 109 -8.53 12.49 8.50
CA LYS A 109 -7.11 12.35 8.63
C LYS A 109 -6.61 13.50 9.49
N PHE A 110 -5.49 13.29 10.19
CA PHE A 110 -4.90 14.31 11.06
C PHE A 110 -3.39 14.46 10.88
N ALA A 111 -2.93 15.70 11.02
CA ALA A 111 -1.50 16.03 10.90
C ALA A 111 -0.94 16.88 12.06
N LEU A 112 0.27 16.56 12.49
CA LEU A 112 0.92 17.29 13.58
C LEU A 112 2.22 17.91 13.11
N ASN A 113 2.46 19.17 13.49
CA ASN A 113 3.60 19.92 12.94
C ASN A 113 3.88 19.63 11.46
N GLY A 114 2.84 19.79 10.64
CA GLY A 114 2.94 19.56 9.21
C GLY A 114 3.13 18.12 8.74
N GLU A 115 2.88 17.14 9.62
CA GLU A 115 3.04 15.73 9.22
C GLU A 115 1.83 14.88 9.55
N GLU A 116 1.40 14.10 8.55
CA GLU A 116 0.25 13.22 8.69
C GLU A 116 0.60 12.06 9.62
N PHE A 117 -0.22 11.87 10.66
CA PHE A 117 0.17 10.99 11.77
C PHE A 117 -1.01 10.26 12.43
N MET A 118 -2.22 10.56 11.99
CA MET A 118 -3.39 10.01 12.66
C MET A 118 -4.65 10.09 11.78
N ASN A 119 -5.69 9.36 12.19
CA ASN A 119 -6.94 9.28 11.46
C ASN A 119 -7.99 8.74 12.40
N PHE A 120 -9.25 9.00 12.10
CA PHE A 120 -10.31 8.42 12.89
C PHE A 120 -11.04 7.42 12.01
N ASP A 121 -10.81 6.15 12.33
CA ASP A 121 -11.44 5.06 11.64
C ASP A 121 -12.93 5.01 11.93
N LEU A 122 -13.74 4.88 10.89
CA LEU A 122 -15.18 4.86 11.08
C LEU A 122 -15.78 3.47 11.23
N LYS A 123 -15.16 2.47 10.61
CA LYS A 123 -15.60 1.10 10.75
C LYS A 123 -15.48 0.67 12.23
N GLN A 124 -14.30 0.86 12.82
CA GLN A 124 -14.10 0.53 14.24
C GLN A 124 -14.20 1.74 15.18
N GLY A 125 -14.92 2.78 14.76
CA GLY A 125 -15.23 3.99 15.57
C GLY A 125 -14.09 4.57 16.41
N THR A 126 -12.90 4.63 15.82
CA THR A 126 -11.66 4.74 16.58
C THR A 126 -10.65 5.75 16.06
N TRP A 127 -9.99 6.45 16.97
CA TRP A 127 -8.80 7.22 16.63
C TRP A 127 -7.61 6.31 16.70
N GLY A 128 -6.60 6.58 15.87
CA GLY A 128 -5.47 5.69 15.77
C GLY A 128 -4.37 6.21 14.86
N GLY A 129 -3.17 5.70 15.08
CA GLY A 129 -2.02 6.07 14.31
C GLY A 129 -0.83 5.39 14.95
N ASP A 130 0.26 5.30 14.20
CA ASP A 130 1.47 4.66 14.69
C ASP A 130 2.25 5.53 15.68
N TRP A 131 2.44 6.80 15.33
CA TRP A 131 3.21 7.75 16.13
C TRP A 131 2.84 7.66 17.61
N PRO A 132 3.85 7.74 18.51
CA PRO A 132 3.60 7.84 19.95
C PRO A 132 2.55 8.90 20.28
N GLU A 133 2.67 10.07 19.66
CA GLU A 133 1.72 11.14 19.95
C GLU A 133 0.31 10.88 19.39
N ALA A 134 0.21 9.96 18.44
CA ALA A 134 -1.09 9.52 17.97
C ALA A 134 -1.84 8.78 19.09
N LEU A 135 -1.10 7.94 19.82
CA LEU A 135 -1.63 7.18 20.94
C LEU A 135 -2.03 8.10 22.09
N ALA A 136 -1.24 9.16 22.30
CA ALA A 136 -1.48 10.11 23.39
C ALA A 136 -2.81 10.83 23.23
N ILE A 137 -3.05 11.36 22.03
CA ILE A 137 -4.27 12.11 21.74
C ILE A 137 -5.40 11.10 21.59
N SER A 138 -5.08 9.97 21.00
CA SER A 138 -6.05 8.94 20.67
C SER A 138 -6.83 8.51 21.90
N GLN A 139 -6.11 8.11 22.94
CA GLN A 139 -6.73 7.61 24.16
C GLN A 139 -7.38 8.73 24.95
N ARG A 140 -6.84 9.94 24.81
CA ARG A 140 -7.39 11.12 25.46
C ARG A 140 -8.73 11.51 24.84
N TRP A 141 -8.87 11.28 23.54
CA TRP A 141 -10.17 11.50 22.91
C TRP A 141 -11.12 10.33 23.20
N GLN A 142 -10.63 9.09 23.04
CA GLN A 142 -11.40 7.89 23.40
C GLN A 142 -11.94 7.94 24.84
N GLN A 143 -11.10 8.34 25.80
CA GLN A 143 -11.51 8.35 27.21
C GLN A 143 -12.55 9.44 27.53
N GLN A 144 -12.81 10.32 26.57
CA GLN A 144 -13.81 11.38 26.75
C GLN A 144 -15.19 10.88 26.40
N ASP A 145 -16.15 11.24 27.25
CA ASP A 145 -17.53 10.83 27.05
C ASP A 145 -18.14 11.41 25.75
N LYS A 146 -18.59 10.51 24.88
CA LYS A 146 -19.41 10.83 23.70
C LYS A 146 -18.64 11.23 22.43
N ALA A 147 -17.39 11.66 22.60
CA ALA A 147 -16.51 12.03 21.48
C ALA A 147 -16.72 11.17 20.23
N ALA A 148 -16.31 9.91 20.28
CA ALA A 148 -16.45 9.00 19.15
C ALA A 148 -17.86 9.00 18.55
N ASN A 149 -18.89 9.08 19.38
CA ASN A 149 -20.26 9.03 18.87
C ASN A 149 -20.63 10.27 18.06
N LYS A 150 -20.25 11.43 18.60
CA LYS A 150 -20.43 12.72 17.95
C LYS A 150 -19.63 12.78 16.65
N GLU A 151 -18.42 12.25 16.68
CA GLU A 151 -17.59 12.18 15.50
C GLU A 151 -18.27 11.28 14.48
N LEU A 152 -18.66 10.08 14.88
CA LEU A 152 -19.38 9.17 13.98
C LEU A 152 -20.62 9.83 13.37
N THR A 153 -21.41 10.48 14.22
CA THR A 153 -22.59 11.22 13.78
C THR A 153 -22.26 12.30 12.75
N PHE A 154 -21.31 13.18 13.11
CA PHE A 154 -20.91 14.32 12.27
C PHE A 154 -20.54 13.91 10.84
N LEU A 155 -19.74 12.86 10.69
CA LEU A 155 -19.26 12.43 9.38
C LEU A 155 -20.19 11.48 8.62
N LEU A 156 -21.02 10.73 9.33
CA LEU A 156 -21.89 9.78 8.65
C LEU A 156 -23.27 10.34 8.40
N PHE A 157 -23.66 11.35 9.16
CA PHE A 157 -25.00 11.90 9.02
C PHE A 157 -25.01 13.39 8.78
N SER A 158 -24.51 14.18 9.74
CA SER A 158 -24.42 15.63 9.56
C SER A 158 -23.77 15.99 8.22
N CYS A 159 -22.52 15.58 8.04
CA CYS A 159 -21.80 15.93 6.82
C CYS A 159 -22.64 15.72 5.54
N PRO A 160 -22.95 14.46 5.16
CA PRO A 160 -23.60 14.26 3.85
C PRO A 160 -24.96 14.92 3.76
N HIS A 161 -25.63 15.06 4.89
CA HIS A 161 -26.86 15.80 4.97
C HIS A 161 -26.61 17.24 4.51
N ARG A 162 -25.62 17.89 5.12
CA ARG A 162 -25.25 19.27 4.77
C ARG A 162 -24.91 19.42 3.28
N LEU A 163 -24.16 18.47 2.74
CA LEU A 163 -23.83 18.43 1.32
C LEU A 163 -25.10 18.29 0.48
N ARG A 164 -26.05 17.52 1.00
CA ARG A 164 -27.32 17.24 0.35
C ARG A 164 -28.07 18.55 0.20
N GLU A 165 -28.11 19.30 1.30
CA GLU A 165 -28.90 20.51 1.41
C GLU A 165 -28.34 21.62 0.53
N HIS A 166 -27.02 21.64 0.39
CA HIS A 166 -26.38 22.68 -0.39
C HIS A 166 -26.50 22.40 -1.87
N LEU A 167 -26.56 21.12 -2.23
CA LEU A 167 -26.74 20.75 -3.62
C LEU A 167 -28.17 21.02 -4.12
N GLU A 168 -29.11 21.10 -3.20
CA GLU A 168 -30.51 21.36 -3.51
C GLU A 168 -30.82 22.84 -3.39
N ARG A 169 -30.21 23.49 -2.40
CA ARG A 169 -30.46 24.90 -2.10
C ARG A 169 -29.43 25.85 -2.72
N GLY A 170 -28.27 25.34 -3.13
CA GLY A 170 -27.22 26.16 -3.71
C GLY A 170 -26.80 25.66 -5.07
N ARG A 171 -27.77 25.18 -5.84
CA ARG A 171 -27.51 24.62 -7.16
C ARG A 171 -26.82 25.64 -8.08
N GLY A 172 -27.37 26.84 -8.15
CA GLY A 172 -26.79 27.92 -8.97
C GLY A 172 -25.35 28.22 -8.61
N ASN A 173 -25.09 28.30 -7.31
CA ASN A 173 -23.73 28.50 -6.77
C ASN A 173 -22.72 27.47 -7.19
N LEU A 174 -23.10 26.20 -7.16
CA LEU A 174 -22.20 25.13 -7.56
C LEU A 174 -22.08 25.01 -9.07
N GLU A 175 -23.15 25.35 -9.78
CA GLU A 175 -23.16 25.19 -11.24
C GLU A 175 -22.63 26.41 -12.01
N TRP A 176 -22.33 27.47 -11.26
CA TRP A 176 -21.66 28.69 -11.76
C TRP A 176 -20.50 28.39 -12.71
N LYS A 177 -20.49 29.09 -13.85
CA LYS A 177 -19.44 28.98 -14.83
C LYS A 177 -19.13 30.36 -15.40
N GLU A 178 -17.86 30.74 -15.40
CA GLU A 178 -17.42 32.02 -15.94
C GLU A 178 -16.10 31.80 -16.67
N PRO A 179 -16.06 32.14 -17.97
CA PRO A 179 -14.89 31.93 -18.81
C PRO A 179 -13.75 32.87 -18.43
N PRO A 180 -12.49 32.45 -18.68
CA PRO A 180 -11.35 33.28 -18.39
C PRO A 180 -11.16 34.36 -19.43
N SER A 181 -10.93 35.60 -18.99
CA SER A 181 -10.41 36.63 -19.89
C SER A 181 -8.96 36.29 -20.18
N MET A 182 -8.59 36.37 -21.45
CA MET A 182 -7.30 35.88 -21.89
C MET A 182 -6.37 36.95 -22.47
N ARG A 183 -5.08 36.82 -22.15
CA ARG A 183 -4.02 37.62 -22.75
C ARG A 183 -2.80 36.74 -23.04
N LEU A 184 -2.17 37.00 -24.18
CA LEU A 184 -0.86 36.44 -24.51
C LEU A 184 0.07 37.62 -24.78
N LYS A 185 1.21 37.66 -24.09
CA LYS A 185 2.12 38.78 -24.20
C LYS A 185 3.57 38.30 -24.36
N ALA A 186 4.48 39.21 -24.72
CA ALA A 186 5.89 38.89 -24.89
C ALA A 186 6.84 39.92 -24.24
N ARG A 187 8.00 39.44 -23.79
CA ARG A 187 9.07 40.28 -23.24
C ARG A 187 10.39 39.60 -23.55
N PRO A 188 11.35 40.33 -24.15
CA PRO A 188 12.68 39.75 -24.34
C PRO A 188 13.28 39.27 -23.01
N SER A 189 13.58 37.97 -22.93
CA SER A 189 14.11 37.37 -21.71
C SER A 189 15.60 37.66 -21.61
N SER A 190 16.35 37.20 -22.60
CA SER A 190 17.78 37.46 -22.71
C SER A 190 18.16 37.77 -24.17
N PRO A 191 19.43 38.21 -24.38
CA PRO A 191 20.00 38.23 -25.73
C PRO A 191 19.72 36.93 -26.49
N GLY A 192 19.03 37.06 -27.62
CA GLY A 192 18.61 35.91 -28.43
C GLY A 192 17.23 35.36 -28.09
N PHE A 193 16.65 35.82 -26.99
CA PHE A 193 15.44 35.19 -26.43
C PHE A 193 14.33 36.11 -25.95
N SER A 194 13.11 35.58 -26.03
CA SER A 194 11.92 36.24 -25.48
C SER A 194 11.19 35.31 -24.49
N VAL A 195 10.41 35.91 -23.59
CA VAL A 195 9.52 35.16 -22.69
C VAL A 195 8.05 35.43 -23.06
N LEU A 196 7.34 34.38 -23.45
CA LEU A 196 5.93 34.51 -23.77
C LEU A 196 5.10 34.03 -22.59
N THR A 197 4.11 34.84 -22.20
CA THR A 197 3.28 34.55 -21.03
C THR A 197 1.79 34.60 -21.36
N CYS A 198 1.16 33.43 -21.24
CA CYS A 198 -0.25 33.29 -21.48
C CYS A 198 -0.95 33.40 -20.15
N SER A 199 -1.96 34.26 -20.06
CA SER A 199 -2.59 34.53 -18.77
C SER A 199 -4.11 34.53 -18.77
N ALA A 200 -4.68 33.83 -17.79
CA ALA A 200 -6.11 33.62 -17.72
C ALA A 200 -6.66 34.29 -16.47
N PHE A 201 -7.59 35.21 -16.65
CA PHE A 201 -8.09 36.00 -15.54
C PHE A 201 -9.55 35.67 -15.22
N SER A 202 -9.90 35.67 -13.95
CA SER A 202 -11.29 35.55 -13.48
C SER A 202 -12.12 34.37 -14.04
N PHE A 203 -11.73 33.13 -13.70
CA PHE A 203 -12.45 31.96 -14.18
C PHE A 203 -12.95 31.00 -13.09
N TYR A 204 -14.06 30.34 -13.38
CA TYR A 204 -14.61 29.31 -12.52
C TYR A 204 -15.29 28.24 -13.37
N PRO A 205 -15.05 26.94 -13.06
CA PRO A 205 -14.34 26.39 -11.91
C PRO A 205 -12.83 26.43 -12.09
N PRO A 206 -12.05 26.04 -11.06
CA PRO A 206 -10.61 26.17 -11.10
C PRO A 206 -9.91 25.36 -12.19
N GLU A 207 -10.57 24.34 -12.72
CA GLU A 207 -9.93 23.42 -13.66
C GLU A 207 -9.69 24.06 -15.03
N LEU A 208 -8.42 24.18 -15.40
CA LEU A 208 -8.06 24.82 -16.65
C LEU A 208 -6.70 24.33 -17.12
N GLN A 209 -6.57 24.20 -18.42
CA GLN A 209 -5.31 23.82 -19.00
C GLN A 209 -4.91 24.81 -20.05
N LEU A 210 -3.62 25.09 -20.14
CA LEU A 210 -3.06 26.01 -21.14
C LEU A 210 -1.95 25.30 -21.90
N ARG A 211 -1.96 25.45 -23.22
CA ARG A 211 -0.89 24.92 -24.08
C ARG A 211 -0.32 26.02 -24.96
N PHE A 212 0.80 25.72 -25.61
CA PHE A 212 1.41 26.62 -26.57
C PHE A 212 1.53 25.94 -27.94
N LEU A 213 1.25 26.70 -29.00
CA LEU A 213 1.36 26.22 -30.39
C LEU A 213 2.21 27.13 -31.28
N ARG A 214 3.08 26.50 -32.07
CA ARG A 214 3.79 27.18 -33.15
C ARG A 214 3.17 26.72 -34.46
N ASN A 215 2.54 27.66 -35.16
CA ASN A 215 1.91 27.44 -36.48
C ASN A 215 0.82 26.36 -36.51
N GLY A 216 0.32 25.99 -35.33
CA GLY A 216 -0.78 25.03 -35.20
C GLY A 216 -0.37 23.72 -34.54
N LEU A 217 0.95 23.48 -34.45
CA LEU A 217 1.47 22.21 -33.93
C LEU A 217 2.15 22.40 -32.58
N ALA A 218 1.83 21.51 -31.64
CA ALA A 218 2.22 21.62 -30.21
C ALA A 218 3.67 22.02 -29.94
N ALA A 219 3.85 22.86 -28.92
CA ALA A 219 5.16 23.37 -28.49
C ALA A 219 5.41 23.17 -26.98
N GLY A 220 4.51 22.41 -26.34
CA GLY A 220 4.56 22.16 -24.89
C GLY A 220 3.69 23.10 -24.07
N THR A 221 3.45 22.75 -22.81
CA THR A 221 2.88 23.71 -21.85
C THR A 221 4.02 24.62 -21.41
N GLY A 222 3.71 25.79 -20.87
CA GLY A 222 4.77 26.61 -20.31
C GLY A 222 5.17 26.07 -18.95
N GLN A 223 5.79 26.92 -18.13
CA GLN A 223 5.96 26.67 -16.71
C GLN A 223 4.81 27.34 -15.94
N GLY A 224 3.91 26.54 -15.37
CA GLY A 224 2.59 27.02 -14.96
C GLY A 224 2.30 27.20 -13.49
N ASP A 225 1.41 28.15 -13.20
CA ASP A 225 1.01 28.48 -11.84
C ASP A 225 -0.48 28.82 -11.73
N PHE A 226 -1.08 28.43 -10.61
CA PHE A 226 -2.50 28.68 -10.32
C PHE A 226 -2.61 29.54 -9.08
N GLY A 227 -3.73 30.26 -8.97
CA GLY A 227 -4.04 30.96 -7.76
C GLY A 227 -5.47 31.41 -7.72
N PRO A 228 -5.99 31.71 -6.51
CA PRO A 228 -7.33 32.23 -6.36
C PRO A 228 -7.38 33.75 -6.39
N ASN A 229 -8.55 34.27 -6.77
CA ASN A 229 -8.92 35.65 -6.58
C ASN A 229 -9.69 35.76 -5.28
N SER A 230 -10.14 36.95 -4.95
CA SER A 230 -10.82 37.17 -3.69
C SER A 230 -12.31 36.91 -3.82
N ASP A 231 -12.85 37.04 -5.03
CA ASP A 231 -14.29 36.83 -5.24
C ASP A 231 -14.66 35.36 -5.45
N GLY A 232 -13.69 34.45 -5.30
CA GLY A 232 -13.93 33.03 -5.48
C GLY A 232 -13.55 32.51 -6.85
N SER A 233 -13.34 33.43 -7.79
CA SER A 233 -12.82 33.09 -9.12
C SER A 233 -11.34 32.74 -9.04
N PHE A 234 -10.75 32.41 -10.19
CA PHE A 234 -9.39 31.89 -10.21
C PHE A 234 -8.55 32.51 -11.30
N HIS A 235 -7.25 32.32 -11.15
CA HIS A 235 -6.22 32.90 -11.98
C HIS A 235 -5.25 31.79 -12.36
N ALA A 236 -4.80 31.80 -13.62
CA ALA A 236 -3.77 30.88 -14.06
C ALA A 236 -2.88 31.55 -15.06
N SER A 237 -1.62 31.14 -15.09
CA SER A 237 -0.63 31.75 -15.96
C SER A 237 0.43 30.74 -16.37
N SER A 238 0.96 30.90 -17.57
CA SER A 238 2.03 30.04 -18.02
C SER A 238 2.99 30.74 -18.94
N SER A 239 4.27 30.38 -18.83
CA SER A 239 5.34 31.06 -19.55
C SER A 239 6.31 30.11 -20.24
N LEU A 240 6.77 30.53 -21.42
CA LEU A 240 7.69 29.73 -22.24
C LEU A 240 8.80 30.59 -22.87
N THR A 241 9.99 29.99 -23.02
CA THR A 241 11.11 30.66 -23.68
C THR A 241 11.13 30.34 -25.18
N VAL A 242 11.19 31.39 -26.01
CA VAL A 242 11.23 31.25 -27.48
C VAL A 242 12.29 32.16 -28.14
N LYS A 243 12.64 31.84 -29.39
CA LYS A 243 13.72 32.52 -30.13
C LYS A 243 13.45 34.00 -30.42
N SER A 244 14.53 34.75 -30.63
CA SER A 244 14.54 36.22 -30.80
C SER A 244 13.41 36.88 -31.61
N GLY A 245 13.03 36.31 -32.76
CA GLY A 245 12.07 36.96 -33.65
C GLY A 245 11.01 36.08 -34.31
N ASP A 246 10.63 34.99 -33.63
CA ASP A 246 9.59 34.07 -34.13
C ASP A 246 9.02 33.21 -32.98
N GLU A 247 8.37 33.75 -31.94
CA GLU A 247 7.97 35.15 -31.64
C GLU A 247 6.59 35.64 -32.07
N HIS A 248 6.18 35.37 -33.30
CA HIS A 248 4.81 35.75 -33.68
C HIS A 248 4.05 34.67 -34.44
N HIS A 249 4.74 33.59 -34.76
CA HIS A 249 4.08 32.40 -35.29
C HIS A 249 3.72 31.49 -34.10
N TYR A 250 3.11 32.12 -33.10
CA TYR A 250 2.72 31.49 -31.84
C TYR A 250 1.35 31.95 -31.37
N CYS A 251 0.57 31.00 -30.84
CA CYS A 251 -0.72 31.30 -30.20
C CYS A 251 -0.81 30.58 -28.84
N CYS A 252 -1.89 30.82 -28.10
CA CYS A 252 -2.10 30.12 -26.83
C CYS A 252 -3.40 29.34 -26.84
N ILE A 253 -3.37 28.12 -26.32
CA ILE A 253 -4.58 27.28 -26.27
C ILE A 253 -5.08 27.03 -24.84
N VAL A 254 -6.27 27.57 -24.55
CA VAL A 254 -6.86 27.42 -23.24
C VAL A 254 -8.07 26.49 -23.30
N GLN A 255 -8.12 25.54 -22.37
CA GLN A 255 -9.28 24.67 -22.21
C GLN A 255 -9.96 24.94 -20.88
N HIS A 256 -11.27 25.15 -20.92
CA HIS A 256 -12.08 25.43 -19.72
C HIS A 256 -13.58 25.10 -19.89
N ALA A 257 -14.20 24.66 -18.80
CA ALA A 257 -15.60 24.27 -18.81
C ALA A 257 -16.55 25.40 -19.19
N GLY A 258 -16.11 26.64 -19.01
CA GLY A 258 -16.95 27.81 -19.25
C GLY A 258 -17.02 28.19 -20.72
N LEU A 259 -16.20 27.52 -21.51
CA LEU A 259 -16.23 27.68 -22.96
C LEU A 259 -16.89 26.46 -23.58
N ALA A 260 -17.40 26.63 -24.81
CA ALA A 260 -17.99 25.53 -25.56
C ALA A 260 -16.91 24.73 -26.29
N GLN A 261 -15.92 25.45 -26.79
CA GLN A 261 -14.79 24.85 -27.51
C GLN A 261 -13.49 25.47 -26.98
N PRO A 262 -12.33 24.83 -27.22
CA PRO A 262 -11.06 25.47 -26.87
C PRO A 262 -10.93 26.85 -27.52
N LEU A 263 -10.21 27.76 -26.86
CA LEU A 263 -10.06 29.10 -27.37
C LEU A 263 -8.61 29.39 -27.74
N ARG A 264 -8.42 29.88 -28.97
CA ARG A 264 -7.10 30.27 -29.45
C ARG A 264 -6.87 31.73 -29.09
N VAL A 265 -5.72 32.00 -28.47
CA VAL A 265 -5.34 33.35 -28.10
C VAL A 265 -4.13 33.81 -28.91
N GLU A 266 -4.36 34.78 -29.79
CA GLU A 266 -3.30 35.32 -30.63
C GLU A 266 -2.64 36.48 -29.91
N LEU A 267 -1.33 36.65 -30.15
CA LEU A 267 -0.55 37.74 -29.56
C LEU A 267 -1.02 39.13 -29.99
N GLU A 268 -1.86 39.19 -31.02
CA GLU A 268 -2.49 40.44 -31.49
C GLU A 268 -3.32 41.12 -30.40
N ILE B 1 7.71 19.65 11.03
CA ILE B 1 8.57 20.08 9.89
C ILE B 1 8.30 21.53 9.50
N GLN B 2 9.13 22.03 8.58
CA GLN B 2 9.05 23.41 8.09
C GLN B 2 9.08 23.48 6.56
N ARG B 3 8.34 24.45 6.02
CA ARG B 3 8.18 24.61 4.58
C ARG B 3 8.14 26.09 4.24
N THR B 4 8.92 26.49 3.24
CA THR B 4 9.02 27.90 2.89
C THR B 4 7.92 28.33 1.89
N PRO B 5 7.45 29.57 2.02
CA PRO B 5 6.30 29.96 1.24
C PRO B 5 6.65 30.22 -0.20
N LYS B 6 5.72 29.87 -1.08
CA LYS B 6 5.75 30.27 -2.46
C LYS B 6 4.89 31.53 -2.52
N ILE B 7 5.25 32.46 -3.39
CA ILE B 7 4.58 33.76 -3.46
C ILE B 7 4.21 34.05 -4.90
N GLN B 8 2.96 34.42 -5.13
CA GLN B 8 2.52 34.78 -6.48
C GLN B 8 1.77 36.09 -6.47
N VAL B 9 2.16 37.01 -7.36
CA VAL B 9 1.52 38.31 -7.44
C VAL B 9 0.88 38.49 -8.82
N TYR B 10 -0.35 38.99 -8.83
CA TYR B 10 -1.11 39.16 -10.07
C TYR B 10 -2.40 39.89 -9.72
N SER B 11 -3.11 40.34 -10.75
CA SER B 11 -4.34 41.12 -10.56
C SER B 11 -5.54 40.29 -10.96
N ARG B 12 -6.68 40.55 -10.33
CA ARG B 12 -7.91 39.81 -10.61
C ARG B 12 -8.27 39.86 -12.09
N HIS B 13 -8.28 41.08 -12.64
CA HIS B 13 -8.61 41.34 -14.04
C HIS B 13 -7.37 41.86 -14.76
N PRO B 14 -7.30 41.69 -16.10
CA PRO B 14 -6.11 42.12 -16.86
C PRO B 14 -5.83 43.59 -16.61
N ALA B 15 -4.55 43.91 -16.43
CA ALA B 15 -4.18 45.26 -16.01
C ALA B 15 -4.35 46.28 -17.11
N GLU B 16 -5.04 47.38 -16.79
CA GLU B 16 -5.21 48.50 -17.71
C GLU B 16 -5.08 49.82 -16.94
N ASN B 17 -4.04 50.59 -17.27
CA ASN B 17 -3.78 51.87 -16.60
C ASN B 17 -5.03 52.76 -16.57
N GLY B 18 -5.36 53.29 -15.40
CA GLY B 18 -6.56 54.12 -15.27
C GLY B 18 -7.86 53.41 -14.93
N LYS B 19 -7.98 52.14 -15.33
CA LYS B 19 -9.14 51.31 -14.97
C LYS B 19 -8.98 50.69 -13.58
N SER B 20 -10.08 50.62 -12.81
CA SER B 20 -10.04 50.08 -11.45
C SER B 20 -9.98 48.55 -11.48
N ASN B 21 -9.44 47.96 -10.40
CA ASN B 21 -8.97 46.56 -10.38
C ASN B 21 -8.70 46.05 -8.95
N PHE B 22 -8.25 44.81 -8.83
CA PHE B 22 -7.79 44.24 -7.54
C PHE B 22 -6.40 43.60 -7.68
N LEU B 23 -5.57 43.74 -6.65
CA LEU B 23 -4.22 43.16 -6.68
C LEU B 23 -4.08 42.04 -5.68
N ASN B 24 -3.50 40.93 -6.12
CA ASN B 24 -3.47 39.72 -5.31
C ASN B 24 -2.05 39.27 -4.95
N CYS B 25 -1.87 38.97 -3.67
CA CYS B 25 -0.74 38.18 -3.28
C CYS B 25 -1.22 36.82 -2.76
N TYR B 26 -0.76 35.76 -3.39
CA TYR B 26 -1.10 34.40 -3.00
C TYR B 26 0.15 33.71 -2.47
N VAL B 27 0.13 33.46 -1.17
CA VAL B 27 1.23 32.85 -0.47
C VAL B 27 0.79 31.42 -0.11
N SER B 28 1.60 30.43 -0.47
CA SER B 28 1.19 29.04 -0.30
C SER B 28 2.37 28.13 -0.01
N GLY B 29 2.05 26.89 0.36
CA GLY B 29 3.03 25.81 0.45
C GLY B 29 3.95 25.96 1.63
N PHE B 30 3.47 26.60 2.69
CA PHE B 30 4.31 26.93 3.82
C PHE B 30 3.80 26.37 5.15
N HIS B 31 4.76 26.17 6.05
CA HIS B 31 4.50 25.65 7.37
C HIS B 31 5.67 26.04 8.27
N PRO B 32 5.39 26.45 9.53
CA PRO B 32 4.09 26.61 10.18
C PRO B 32 3.32 27.82 9.68
N SER B 33 2.16 28.05 10.28
CA SER B 33 1.15 28.93 9.72
C SER B 33 1.39 30.42 10.00
N ASP B 34 2.24 30.72 10.98
CA ASP B 34 2.73 32.09 11.23
C ASP B 34 3.27 32.75 9.96
N ILE B 35 2.76 33.92 9.63
CA ILE B 35 3.15 34.57 8.40
C ILE B 35 2.82 36.05 8.48
N GLU B 36 3.66 36.88 7.88
CA GLU B 36 3.35 38.30 7.76
C GLU B 36 3.57 38.76 6.32
N VAL B 37 2.59 39.49 5.79
CA VAL B 37 2.57 39.86 4.38
C VAL B 37 2.05 41.27 4.20
N ASP B 38 2.82 42.09 3.48
CA ASP B 38 2.34 43.39 3.03
C ASP B 38 2.37 43.48 1.53
N LEU B 39 1.39 44.19 0.97
CA LEU B 39 1.46 44.63 -0.39
C LEU B 39 2.14 46.00 -0.37
N LEU B 40 3.06 46.19 -1.32
CA LEU B 40 3.82 47.44 -1.45
C LEU B 40 3.43 48.22 -2.71
N LYS B 41 3.24 49.53 -2.55
CA LYS B 41 3.08 50.46 -3.69
C LYS B 41 4.29 51.38 -3.79
N ASN B 42 5.16 51.14 -4.77
CA ASN B 42 6.40 51.91 -4.93
C ASN B 42 7.16 51.97 -3.62
N GLY B 43 7.53 50.81 -3.12
CA GLY B 43 8.41 50.71 -1.96
C GLY B 43 7.73 50.65 -0.61
N GLU B 44 6.49 51.10 -0.51
CA GLU B 44 5.87 51.23 0.83
C GLU B 44 4.46 50.65 1.02
N ARG B 45 4.22 50.12 2.22
CA ARG B 45 2.98 49.47 2.64
C ARG B 45 1.70 50.04 2.05
N ILE B 46 0.83 49.19 1.51
CA ILE B 46 -0.54 49.65 1.29
C ILE B 46 -1.29 49.52 2.62
N GLU B 47 -1.96 50.59 3.03
CA GLU B 47 -2.65 50.59 4.29
C GLU B 47 -3.76 49.53 4.28
N LYS B 48 -4.93 49.89 3.75
CA LYS B 48 -6.10 49.04 3.87
C LYS B 48 -5.92 47.77 3.03
N VAL B 49 -5.56 46.68 3.69
CA VAL B 49 -5.34 45.41 3.00
C VAL B 49 -6.13 44.29 3.66
N GLU B 50 -6.93 43.59 2.87
CA GLU B 50 -7.67 42.44 3.37
C GLU B 50 -6.99 41.11 3.01
N HIS B 51 -7.41 40.06 3.69
CA HIS B 51 -6.93 38.72 3.39
C HIS B 51 -7.97 37.67 3.64
N SER B 52 -7.77 36.53 3.02
CA SER B 52 -8.66 35.40 3.18
C SER B 52 -8.30 34.65 4.45
N ASP B 53 -9.03 33.58 4.75
CA ASP B 53 -8.72 32.70 5.86
C ASP B 53 -7.42 31.97 5.58
N LEU B 54 -6.69 31.67 6.65
CA LEU B 54 -5.52 30.83 6.56
C LEU B 54 -6.04 29.41 6.44
N SER B 55 -5.86 28.82 5.27
CA SER B 55 -6.37 27.50 5.00
C SER B 55 -5.20 26.59 4.58
N PHE B 56 -5.45 25.35 4.19
CA PHE B 56 -4.35 24.46 3.82
C PHE B 56 -4.71 23.42 2.73
N SER B 57 -3.68 22.79 2.19
CA SER B 57 -3.82 21.90 1.06
C SER B 57 -3.73 20.40 1.41
N LYS B 58 -4.05 19.57 0.42
CA LYS B 58 -3.89 18.13 0.50
C LYS B 58 -2.53 17.72 1.08
N ASP B 59 -1.47 18.45 0.74
CA ASP B 59 -0.14 18.15 1.30
C ASP B 59 0.07 18.71 2.71
N TRP B 60 -0.96 19.38 3.22
CA TRP B 60 -1.02 19.90 4.61
C TRP B 60 -0.40 21.30 4.82
N SER B 61 0.41 21.76 3.87
CA SER B 61 0.92 23.13 3.90
C SER B 61 -0.19 24.19 3.76
N PHE B 62 0.08 25.36 4.33
CA PHE B 62 -0.89 26.44 4.39
C PHE B 62 -0.87 27.34 3.19
N TYR B 63 -2.00 27.98 2.93
CA TYR B 63 -2.12 29.01 1.91
C TYR B 63 -3.01 30.15 2.33
N LEU B 64 -2.74 31.32 1.76
CA LEU B 64 -3.39 32.56 2.15
C LEU B 64 -3.43 33.44 0.93
N LEU B 65 -4.46 34.25 0.83
CA LEU B 65 -4.54 35.25 -0.21
C LEU B 65 -4.71 36.64 0.40
N TYR B 66 -3.81 37.55 0.01
CA TYR B 66 -3.96 38.99 0.31
C TYR B 66 -4.40 39.74 -0.93
N TYR B 67 -5.20 40.77 -0.73
CA TYR B 67 -5.75 41.54 -1.84
C TYR B 67 -6.18 42.96 -1.43
N THR B 68 -6.15 43.85 -2.41
CA THR B 68 -6.67 45.21 -2.24
C THR B 68 -7.15 45.81 -3.55
N GLU B 69 -8.21 46.61 -3.46
CA GLU B 69 -8.68 47.35 -4.62
C GLU B 69 -7.63 48.40 -4.96
N PHE B 70 -7.38 48.61 -6.25
CA PHE B 70 -6.40 49.58 -6.70
C PHE B 70 -6.60 50.02 -8.15
N THR B 71 -6.03 51.17 -8.50
CA THR B 71 -5.98 51.62 -9.89
C THR B 71 -4.53 51.64 -10.35
N PRO B 72 -4.17 50.72 -11.25
CA PRO B 72 -2.83 50.74 -11.85
C PRO B 72 -2.58 52.07 -12.56
N THR B 73 -1.33 52.32 -12.93
CA THR B 73 -0.88 53.62 -13.41
C THR B 73 0.52 53.49 -14.01
N GLU B 74 0.79 54.28 -15.05
CA GLU B 74 2.14 54.36 -15.66
C GLU B 74 3.25 54.55 -14.63
N LYS B 75 3.02 55.43 -13.66
CA LYS B 75 4.02 55.82 -12.66
C LYS B 75 4.27 54.82 -11.50
N ASP B 76 3.55 53.69 -11.48
CA ASP B 76 3.46 52.83 -10.28
C ASP B 76 4.01 51.40 -10.41
N GLU B 77 4.81 51.01 -9.43
CA GLU B 77 5.25 49.62 -9.23
C GLU B 77 4.62 49.05 -7.94
N TYR B 78 4.38 47.75 -7.94
CA TYR B 78 3.80 47.05 -6.80
C TYR B 78 4.57 45.80 -6.48
N ALA B 79 4.51 45.37 -5.24
CA ALA B 79 5.19 44.16 -4.83
C ALA B 79 4.47 43.53 -3.64
N CYS B 80 4.94 42.35 -3.25
CA CYS B 80 4.46 41.67 -2.08
C CYS B 80 5.66 41.31 -1.22
N ARG B 81 5.64 41.71 0.05
CA ARG B 81 6.73 41.45 0.99
C ARG B 81 6.28 40.43 2.02
N VAL B 82 7.01 39.32 2.14
CA VAL B 82 6.56 38.22 3.00
C VAL B 82 7.58 37.84 4.05
N ASN B 83 7.11 37.63 5.27
CA ASN B 83 7.98 37.20 6.36
C ASN B 83 7.50 35.92 7.05
N HIS B 84 8.47 35.06 7.36
CA HIS B 84 8.23 33.71 7.82
C HIS B 84 9.49 33.08 8.40
N VAL B 85 9.31 32.31 9.47
CA VAL B 85 10.37 31.50 10.09
C VAL B 85 11.46 30.99 9.11
N THR B 86 11.05 30.57 7.93
CA THR B 86 11.94 29.87 7.01
C THR B 86 12.87 30.81 6.25
N LEU B 87 12.56 32.11 6.34
CA LEU B 87 13.32 33.17 5.66
C LEU B 87 14.23 33.86 6.64
N SER B 88 15.44 34.19 6.20
CA SER B 88 16.35 34.98 7.03
C SER B 88 15.97 36.45 7.01
N GLN B 89 15.61 36.95 5.83
CA GLN B 89 15.07 38.28 5.70
C GLN B 89 13.87 38.25 4.74
N PRO B 90 12.95 39.24 4.87
CA PRO B 90 11.73 39.27 4.06
C PRO B 90 11.99 39.04 2.57
N LYS B 91 11.21 38.15 1.97
CA LYS B 91 11.24 37.99 0.53
C LYS B 91 10.29 38.99 -0.08
N ILE B 92 10.73 39.60 -1.18
CA ILE B 92 9.92 40.56 -1.91
C ILE B 92 9.83 40.08 -3.35
N VAL B 93 8.60 39.89 -3.80
CA VAL B 93 8.35 39.54 -5.19
C VAL B 93 7.62 40.70 -5.87
N LYS B 94 8.24 41.21 -6.94
CA LYS B 94 7.70 42.30 -7.76
C LYS B 94 6.53 41.78 -8.59
N TRP B 95 5.45 42.55 -8.68
CA TRP B 95 4.33 42.20 -9.57
C TRP B 95 4.66 42.36 -11.04
N ASP B 96 4.68 41.25 -11.77
CA ASP B 96 4.80 41.27 -13.22
C ASP B 96 3.38 41.41 -13.76
N ARG B 97 3.11 42.49 -14.48
CA ARG B 97 1.73 42.81 -14.91
C ARG B 97 1.12 41.75 -15.82
N ASP B 98 1.96 41.11 -16.62
CA ASP B 98 1.54 40.12 -17.61
C ASP B 98 1.15 38.79 -16.96
N MET B 99 1.76 38.50 -15.81
CA MET B 99 1.60 37.25 -15.08
C MET B 99 0.17 37.07 -14.52
N ASP C 1 20.81 1.88 -3.40
CA ASP C 1 19.34 1.69 -3.40
C ASP C 1 18.78 1.17 -2.06
N ILE C 2 19.56 1.36 -0.99
CA ILE C 2 19.15 1.02 0.40
C ILE C 2 18.76 -0.45 0.72
N GLN C 3 19.80 -1.26 0.95
CA GLN C 3 19.63 -2.70 1.23
C GLN C 3 19.39 -2.99 2.71
N MET C 4 18.46 -3.90 2.97
CA MET C 4 18.25 -4.46 4.30
C MET C 4 18.86 -5.84 4.29
N THR C 5 19.63 -6.17 5.33
CA THR C 5 20.28 -7.50 5.37
C THR C 5 20.22 -8.06 6.79
N GLN C 6 19.62 -9.24 6.94
CA GLN C 6 19.35 -9.81 8.25
C GLN C 6 20.36 -10.86 8.67
N SER C 7 20.55 -11.01 9.98
CA SER C 7 21.43 -12.02 10.51
C SER C 7 20.75 -12.75 11.65
N PRO C 8 20.58 -14.09 11.53
CA PRO C 8 20.95 -14.96 10.41
C PRO C 8 19.84 -15.10 9.36
N SER C 9 20.10 -15.92 8.32
CA SER C 9 19.11 -16.22 7.27
C SER C 9 18.20 -17.36 7.71
N SER C 10 18.68 -18.14 8.66
CA SER C 10 18.04 -19.37 9.10
C SER C 10 18.44 -19.68 10.53
N LEU C 11 17.51 -20.25 11.28
CA LEU C 11 17.73 -20.48 12.70
C LEU C 11 16.80 -21.51 13.29
N SER C 12 17.38 -22.50 13.97
CA SER C 12 16.62 -23.41 14.83
C SER C 12 17.05 -23.20 16.27
N ALA C 13 16.09 -22.92 17.14
CA ALA C 13 16.40 -22.72 18.56
C ALA C 13 15.46 -23.54 19.42
N SER C 14 15.81 -23.65 20.70
CA SER C 14 15.11 -24.48 21.65
C SER C 14 14.07 -23.65 22.36
N VAL C 15 12.93 -24.26 22.64
CA VAL C 15 11.92 -23.66 23.53
C VAL C 15 12.65 -23.20 24.78
N GLY C 16 12.37 -21.98 25.21
CA GLY C 16 12.99 -21.40 26.40
C GLY C 16 14.13 -20.48 26.04
N ASP C 17 14.78 -20.72 24.91
CA ASP C 17 15.91 -19.91 24.44
C ASP C 17 15.56 -18.45 24.22
N ARG C 18 16.60 -17.63 24.18
CA ARG C 18 16.47 -16.20 23.93
C ARG C 18 17.01 -15.98 22.51
N VAL C 19 16.16 -15.41 21.67
CA VAL C 19 16.46 -15.33 20.25
C VAL C 19 16.81 -13.88 19.87
N THR C 20 17.82 -13.73 19.02
CA THR C 20 18.27 -12.41 18.59
C THR C 20 18.40 -12.36 17.06
N ILE C 21 17.65 -11.45 16.43
CA ILE C 21 17.71 -11.27 14.98
C ILE C 21 18.12 -9.84 14.67
N THR C 22 19.15 -9.67 13.84
CA THR C 22 19.61 -8.31 13.50
C THR C 22 19.29 -7.91 12.07
N CYS C 23 19.06 -6.61 11.90
CA CYS C 23 18.72 -6.03 10.60
C CYS C 23 19.58 -4.82 10.32
N LYS C 24 20.40 -4.92 9.28
CA LYS C 24 21.35 -3.88 8.92
C LYS C 24 20.96 -3.12 7.64
N SER C 25 20.58 -1.85 7.81
CA SER C 25 20.22 -1.02 6.66
C SER C 25 21.45 -0.26 6.19
N SER C 26 21.64 -0.19 4.87
CA SER C 26 22.83 0.43 4.29
C SER C 26 22.85 1.96 4.45
N GLN C 27 21.85 2.51 5.12
CA GLN C 27 21.66 3.95 5.25
C GLN C 27 20.75 4.24 6.45
N SER C 28 21.05 5.29 7.22
CA SER C 28 20.28 5.63 8.43
C SER C 28 18.78 5.74 8.17
N LEU C 29 17.98 5.52 9.21
CA LEU C 29 16.52 5.47 9.04
C LEU C 29 15.75 6.53 9.84
N VAL C 30 16.42 7.27 10.74
CA VAL C 30 15.80 8.44 11.34
C VAL C 30 15.60 9.51 10.27
N GLY C 31 14.55 10.31 10.39
CA GLY C 31 14.39 11.43 9.48
C GLY C 31 13.04 12.10 9.47
N ALA C 32 12.55 12.46 10.67
CA ALA C 32 11.28 13.17 10.81
C ALA C 32 11.28 13.94 12.13
N SER C 33 10.20 13.78 12.91
CA SER C 33 10.13 14.30 14.26
C SER C 33 10.82 13.33 15.25
N GLY C 34 11.91 12.72 14.80
CA GLY C 34 12.58 11.65 15.56
C GLY C 34 11.71 10.42 15.53
N LYS C 35 11.23 10.10 14.33
CA LYS C 35 10.42 8.94 14.07
C LYS C 35 11.20 8.02 13.15
N THR C 36 11.27 6.75 13.52
CA THR C 36 12.03 5.80 12.75
C THR C 36 11.09 4.77 12.15
N TYR C 37 11.02 4.78 10.82
CA TYR C 37 10.06 3.95 10.11
C TYR C 37 10.71 2.62 9.73
N LEU C 38 11.00 1.83 10.76
CA LEU C 38 11.48 0.46 10.65
C LEU C 38 10.35 -0.40 11.17
N TYR C 39 10.16 -1.57 10.57
CA TYR C 39 9.03 -2.42 10.95
C TYR C 39 9.46 -3.87 10.96
N TRP C 40 8.87 -4.66 11.86
CA TRP C 40 9.07 -6.12 11.84
C TRP C 40 7.78 -6.85 11.48
N LEU C 41 7.89 -7.72 10.47
CA LEU C 41 6.79 -8.56 10.05
C LEU C 41 7.18 -10.02 10.15
N PHE C 42 6.17 -10.88 10.33
CA PHE C 42 6.38 -12.33 10.34
C PHE C 42 5.37 -13.04 9.47
N GLN C 43 5.73 -14.24 9.02
CA GLN C 43 4.92 -14.98 8.06
C GLN C 43 5.07 -16.48 8.27
N LYS C 44 3.98 -17.14 8.61
CA LYS C 44 3.98 -18.59 8.70
C LYS C 44 3.68 -19.17 7.31
N PRO C 45 4.18 -20.39 7.01
CA PRO C 45 4.04 -20.98 5.66
C PRO C 45 2.59 -21.21 5.23
N GLY C 46 2.27 -20.81 4.00
CA GLY C 46 0.91 -20.86 3.50
C GLY C 46 0.02 -19.74 4.03
N LYS C 47 0.58 -18.87 4.85
CA LYS C 47 -0.14 -17.78 5.49
C LYS C 47 0.34 -16.43 4.96
N ALA C 48 -0.49 -15.40 5.15
CA ALA C 48 -0.16 -14.01 4.81
C ALA C 48 0.70 -13.39 5.91
N PRO C 49 1.47 -12.33 5.58
CA PRO C 49 2.24 -11.64 6.60
C PRO C 49 1.37 -10.99 7.67
N LYS C 50 2.01 -10.59 8.77
CA LYS C 50 1.38 -9.88 9.89
C LYS C 50 2.40 -8.88 10.38
N ARG C 51 1.91 -7.80 10.97
CA ARG C 51 2.82 -6.83 11.56
C ARG C 51 3.04 -7.20 13.05
N LEU C 52 4.32 -7.18 13.44
CA LEU C 52 4.75 -7.49 14.79
C LEU C 52 5.00 -6.23 15.58
N ILE C 53 6.08 -5.56 15.20
CA ILE C 53 6.51 -4.33 15.84
C ILE C 53 6.47 -3.21 14.83
N TYR C 54 5.95 -2.07 15.25
CA TYR C 54 5.99 -0.88 14.42
C TYR C 54 6.78 0.24 15.07
N LEU C 55 7.10 1.24 14.26
CA LEU C 55 8.18 2.19 14.57
C LEU C 55 9.37 1.33 14.91
N VAL C 56 10.07 1.58 16.00
CA VAL C 56 11.22 0.70 16.23
C VAL C 56 10.92 -0.47 17.17
N SER C 57 9.94 -0.27 18.05
CA SER C 57 9.80 -1.09 19.24
C SER C 57 8.39 -1.07 19.84
N THR C 58 7.39 -0.75 19.02
CA THR C 58 6.02 -0.74 19.52
C THR C 58 5.29 -1.98 19.05
N LEU C 59 4.88 -2.81 20.01
CA LEU C 59 4.20 -4.04 19.71
C LEU C 59 2.81 -3.73 19.20
N ASP C 60 2.42 -4.45 18.15
CA ASP C 60 1.05 -4.41 17.66
C ASP C 60 0.10 -5.09 18.60
N SER C 61 -1.16 -4.71 18.54
CA SER C 61 -2.15 -5.22 19.47
C SER C 61 -2.18 -6.75 19.39
N GLY C 62 -2.07 -7.39 20.56
CA GLY C 62 -2.18 -8.86 20.67
C GLY C 62 -0.93 -9.67 20.36
N ILE C 63 0.19 -8.97 20.14
CA ILE C 63 1.49 -9.62 19.96
C ILE C 63 2.00 -9.97 21.35
N PRO C 64 2.40 -11.24 21.57
CA PRO C 64 2.76 -11.71 22.91
C PRO C 64 3.87 -10.86 23.46
N SER C 65 3.71 -10.42 24.71
CA SER C 65 4.60 -9.43 25.33
C SER C 65 6.07 -9.86 25.53
N ARG C 66 6.43 -11.06 25.10
CA ARG C 66 7.82 -11.53 25.19
C ARG C 66 8.62 -11.10 23.96
N PHE C 67 7.93 -10.56 22.97
CA PHE C 67 8.56 -10.01 21.78
C PHE C 67 8.98 -8.56 22.03
N SER C 68 10.15 -8.18 21.53
CA SER C 68 10.61 -6.80 21.67
C SER C 68 11.64 -6.43 20.60
N GLY C 69 11.72 -5.14 20.33
CA GLY C 69 12.68 -4.61 19.35
C GLY C 69 13.40 -3.40 19.91
N SER C 70 14.56 -3.13 19.33
CA SER C 70 15.37 -1.97 19.70
C SER C 70 16.38 -1.72 18.60
N GLY C 71 17.26 -0.73 18.83
CA GLY C 71 18.17 -0.24 17.80
C GLY C 71 17.76 1.19 17.51
N SER C 72 18.47 1.85 16.60
CA SER C 72 18.25 3.28 16.44
C SER C 72 18.73 3.85 15.11
N GLY C 73 19.93 3.48 14.70
CA GLY C 73 20.53 4.15 13.57
C GLY C 73 20.42 3.34 12.31
N THR C 74 21.13 2.22 12.32
CA THR C 74 21.43 1.43 11.15
C THR C 74 21.50 -0.03 11.60
N GLU C 75 21.38 -0.20 12.92
CA GLU C 75 21.60 -1.45 13.62
C GLU C 75 20.34 -1.76 14.40
N PHE C 76 19.62 -2.80 14.00
CA PHE C 76 18.34 -3.15 14.62
C PHE C 76 18.25 -4.63 15.02
N THR C 77 17.52 -4.90 16.10
CA THR C 77 17.36 -6.26 16.60
C THR C 77 15.94 -6.59 17.00
N LEU C 78 15.49 -7.78 16.60
CA LEU C 78 14.31 -8.39 17.17
C LEU C 78 14.79 -9.36 18.24
N THR C 79 14.03 -9.44 19.33
CA THR C 79 14.36 -10.25 20.47
C THR C 79 13.13 -10.95 21.06
N ILE C 80 13.12 -12.27 21.00
CA ILE C 80 12.14 -13.05 21.74
C ILE C 80 12.74 -13.55 23.06
N SER C 81 12.27 -12.99 24.18
CA SER C 81 12.85 -13.21 25.51
C SER C 81 12.92 -14.68 25.91
N SER C 82 11.90 -15.44 25.53
CA SER C 82 11.80 -16.85 25.85
C SER C 82 10.99 -17.56 24.77
N LEU C 83 11.68 -18.29 23.91
CA LEU C 83 11.05 -18.92 22.77
C LEU C 83 9.94 -19.86 23.19
N GLN C 84 8.86 -19.86 22.41
CA GLN C 84 7.80 -20.85 22.55
C GLN C 84 7.56 -21.46 21.16
N PRO C 85 6.77 -22.55 21.08
CA PRO C 85 6.80 -23.27 19.80
C PRO C 85 5.95 -22.64 18.70
N GLU C 86 4.96 -21.82 19.07
CA GLU C 86 4.14 -21.11 18.06
C GLU C 86 4.90 -19.97 17.41
N ASP C 87 5.98 -19.53 18.05
CA ASP C 87 6.82 -18.47 17.54
C ASP C 87 7.44 -18.80 16.17
N PHE C 88 7.33 -20.05 15.73
CA PHE C 88 7.85 -20.42 14.43
C PHE C 88 7.16 -19.58 13.34
N ALA C 89 7.98 -19.06 12.44
CA ALA C 89 7.54 -18.24 11.30
C ALA C 89 8.79 -17.76 10.57
N THR C 90 8.60 -17.01 9.50
CA THR C 90 9.69 -16.23 8.93
C THR C 90 9.52 -14.77 9.34
N TYR C 91 10.59 -14.18 9.84
CA TYR C 91 10.58 -12.77 10.21
C TYR C 91 11.30 -11.90 9.17
N TYR C 92 10.79 -10.70 9.00
CA TYR C 92 11.35 -9.76 8.05
C TYR C 92 11.44 -8.41 8.72
N CYS C 93 12.50 -7.69 8.40
CA CYS C 93 12.54 -6.27 8.72
C CYS C 93 12.22 -5.46 7.48
N LEU C 94 11.68 -4.28 7.67
CA LEU C 94 11.18 -3.49 6.59
C LEU C 94 11.42 -2.03 6.87
N GLN C 95 12.11 -1.37 5.95
CA GLN C 95 12.28 0.07 6.01
C GLN C 95 11.19 0.74 5.19
N GLY C 96 10.54 1.72 5.79
CA GLY C 96 9.49 2.48 5.12
C GLY C 96 9.72 3.97 5.18
N THR C 97 10.96 4.39 4.96
CA THR C 97 11.31 5.82 5.06
C THR C 97 11.57 6.51 3.70
N HIS C 98 12.13 5.78 2.75
CA HIS C 98 12.36 6.31 1.40
C HIS C 98 12.00 5.25 0.35
N PHE C 99 11.31 5.63 -0.71
CA PHE C 99 10.95 4.67 -1.76
C PHE C 99 12.16 4.22 -2.57
N PRO C 100 12.31 2.90 -2.81
CA PRO C 100 11.68 1.79 -2.08
C PRO C 100 12.51 1.62 -0.81
N HIS C 101 11.94 1.28 0.36
CA HIS C 101 10.78 0.40 0.64
C HIS C 101 11.20 -1.04 0.35
N THR C 102 12.00 -1.56 1.27
CA THR C 102 12.73 -2.80 1.07
C THR C 102 12.69 -3.71 2.30
N PHE C 103 12.71 -5.01 2.03
CA PHE C 103 12.64 -6.03 3.05
C PHE C 103 14.00 -6.70 3.22
N GLY C 104 14.29 -7.13 4.45
CA GLY C 104 15.37 -8.07 4.66
C GLY C 104 15.00 -9.37 3.97
N GLN C 105 15.99 -10.23 3.73
CA GLN C 105 15.77 -11.48 3.00
C GLN C 105 14.94 -12.48 3.81
N GLY C 106 14.81 -12.20 5.10
CA GLY C 106 14.04 -13.03 6.02
C GLY C 106 14.94 -13.86 6.91
N THR C 107 14.43 -14.16 8.10
CA THR C 107 15.05 -15.14 8.95
C THR C 107 14.04 -16.25 9.17
N LYS C 108 14.35 -17.46 8.72
CA LYS C 108 13.43 -18.58 8.91
C LYS C 108 13.68 -19.14 10.30
N LEU C 109 12.64 -19.11 11.12
CA LEU C 109 12.74 -19.56 12.49
C LEU C 109 12.05 -20.91 12.66
N GLU C 110 12.83 -21.96 12.87
CA GLU C 110 12.29 -23.27 13.18
C GLU C 110 12.50 -23.62 14.65
N ILE C 111 11.73 -24.58 15.15
CA ILE C 111 11.75 -24.92 16.57
C ILE C 111 12.45 -26.24 16.78
N LYS C 112 13.43 -26.28 17.68
CA LYS C 112 14.14 -27.52 17.90
C LYS C 112 13.51 -28.35 19.01
N ARG C 113 13.19 -29.59 18.65
CA ARG C 113 12.57 -30.55 19.54
C ARG C 113 13.54 -31.71 19.74
N THR C 114 13.12 -32.71 20.51
CA THR C 114 13.97 -33.87 20.77
C THR C 114 14.19 -34.66 19.50
N VAL C 115 15.38 -35.24 19.37
CA VAL C 115 15.76 -36.01 18.19
C VAL C 115 14.83 -37.20 18.04
N ALA C 116 14.51 -37.54 16.79
CA ALA C 116 13.55 -38.61 16.48
C ALA C 116 13.85 -39.23 15.11
N ALA C 117 13.77 -40.55 15.06
CA ALA C 117 14.17 -41.33 13.89
C ALA C 117 13.02 -41.49 12.90
N PRO C 118 13.35 -41.58 11.61
CA PRO C 118 12.34 -41.69 10.55
C PRO C 118 11.91 -43.14 10.24
N SER C 119 10.61 -43.39 10.19
CA SER C 119 10.10 -44.67 9.71
C SER C 119 10.23 -44.71 8.19
N VAL C 120 11.10 -45.59 7.69
CA VAL C 120 11.38 -45.67 6.25
C VAL C 120 10.49 -46.67 5.49
N PHE C 121 10.09 -46.27 4.29
CA PHE C 121 9.25 -47.09 3.41
C PHE C 121 9.72 -46.93 1.96
N ILE C 122 9.40 -47.91 1.14
CA ILE C 122 9.92 -47.99 -0.24
C ILE C 122 8.82 -48.39 -1.20
N PHE C 123 8.78 -47.78 -2.39
CA PHE C 123 7.63 -47.96 -3.28
C PHE C 123 7.96 -48.34 -4.71
N PRO C 124 7.40 -49.47 -5.18
CA PRO C 124 7.59 -49.87 -6.56
C PRO C 124 6.79 -48.98 -7.53
N PRO C 125 7.42 -48.55 -8.63
CA PRO C 125 6.67 -47.92 -9.71
C PRO C 125 5.53 -48.84 -10.11
N SER C 126 4.31 -48.30 -10.12
CA SER C 126 3.10 -49.10 -10.39
C SER C 126 3.13 -49.66 -11.80
N ASP C 127 2.45 -50.80 -11.97
CA ASP C 127 2.33 -51.46 -13.28
C ASP C 127 1.94 -50.45 -14.35
N GLU C 128 0.95 -49.62 -14.01
CA GLU C 128 0.37 -48.61 -14.88
C GLU C 128 1.37 -47.59 -15.39
N GLN C 129 2.19 -47.05 -14.49
CA GLN C 129 3.11 -45.98 -14.87
C GLN C 129 4.05 -46.38 -16.01
N LEU C 130 4.55 -47.62 -15.94
CA LEU C 130 5.48 -48.18 -16.92
C LEU C 130 4.94 -48.05 -18.34
N LYS C 131 3.80 -48.70 -18.58
CA LYS C 131 3.06 -48.64 -19.84
C LYS C 131 3.16 -47.28 -20.56
N SER C 132 3.06 -46.21 -19.77
CA SER C 132 3.16 -44.84 -20.26
C SER C 132 4.60 -44.32 -20.19
N GLY C 133 5.52 -45.10 -20.72
CA GLY C 133 6.89 -44.64 -20.93
C GLY C 133 7.91 -44.94 -19.85
N THR C 134 7.73 -44.35 -18.66
CA THR C 134 8.81 -44.36 -17.66
C THR C 134 8.38 -44.90 -16.29
N ALA C 135 9.33 -44.88 -15.33
CA ALA C 135 9.13 -45.45 -13.99
C ALA C 135 9.71 -44.60 -12.85
N SER C 136 8.90 -44.37 -11.81
CA SER C 136 9.28 -43.57 -10.65
C SER C 136 9.37 -44.41 -9.39
N VAL C 137 10.47 -44.26 -8.66
CA VAL C 137 10.67 -45.01 -7.40
C VAL C 137 10.73 -44.07 -6.22
N VAL C 138 9.91 -44.36 -5.21
CA VAL C 138 9.74 -43.43 -4.11
C VAL C 138 10.20 -44.01 -2.78
N CYS C 139 11.04 -43.25 -2.09
CA CYS C 139 11.50 -43.56 -0.76
C CYS C 139 10.84 -42.56 0.17
N LEU C 140 10.23 -43.06 1.25
CA LEU C 140 9.56 -42.19 2.22
C LEU C 140 10.25 -42.21 3.58
N LEU C 141 10.60 -41.03 4.09
CA LEU C 141 11.08 -40.90 5.46
C LEU C 141 10.02 -40.19 6.28
N ASN C 142 9.52 -40.85 7.31
CA ASN C 142 8.34 -40.35 8.02
C ASN C 142 8.53 -39.89 9.47
N ASN C 143 8.05 -38.67 9.75
CA ASN C 143 8.01 -38.08 11.09
C ASN C 143 9.34 -38.08 11.85
N PHE C 144 10.23 -37.13 11.54
CA PHE C 144 11.53 -37.12 12.18
C PHE C 144 12.09 -35.72 12.47
N TYR C 145 13.07 -35.67 13.37
CA TYR C 145 13.83 -34.46 13.65
C TYR C 145 15.28 -34.85 13.93
N PRO C 146 16.27 -34.04 13.48
CA PRO C 146 16.19 -32.76 12.77
C PRO C 146 16.03 -32.92 11.25
N ARG C 147 15.94 -31.80 10.54
CA ARG C 147 15.65 -31.79 9.10
C ARG C 147 16.72 -32.52 8.29
N GLU C 148 17.95 -32.50 8.81
CA GLU C 148 19.11 -32.96 8.07
C GLU C 148 19.18 -34.48 7.96
N ALA C 149 19.15 -34.96 6.74
CA ALA C 149 19.24 -36.39 6.44
C ALA C 149 19.82 -36.62 5.05
N LYS C 150 20.61 -37.68 4.93
CA LYS C 150 21.28 -38.03 3.68
C LYS C 150 20.67 -39.31 3.11
N VAL C 151 20.26 -39.25 1.85
CA VAL C 151 19.59 -40.35 1.17
C VAL C 151 20.38 -40.76 -0.07
N GLN C 152 20.50 -42.06 -0.30
CA GLN C 152 21.21 -42.61 -1.45
C GLN C 152 20.40 -43.71 -2.12
N TRP C 153 20.30 -43.63 -3.44
CA TRP C 153 19.68 -44.69 -4.21
C TRP C 153 20.75 -45.71 -4.63
N LYS C 154 20.48 -46.99 -4.41
CA LYS C 154 21.42 -48.06 -4.73
C LYS C 154 20.89 -48.95 -5.86
N VAL C 155 21.01 -48.45 -7.09
CA VAL C 155 20.69 -49.21 -8.31
C VAL C 155 21.84 -50.18 -8.57
N ASP C 156 21.53 -51.48 -8.47
CA ASP C 156 22.53 -52.57 -8.52
C ASP C 156 23.89 -52.18 -7.89
N ASN C 157 23.79 -51.42 -6.79
CA ASN C 157 24.92 -50.96 -5.96
C ASN C 157 25.85 -49.90 -6.58
N ALA C 158 25.38 -49.26 -7.65
CA ALA C 158 26.03 -48.05 -8.17
C ALA C 158 25.21 -46.84 -7.72
N LEU C 159 25.74 -46.12 -6.73
CA LEU C 159 25.07 -44.96 -6.15
C LEU C 159 24.73 -43.89 -7.20
N GLN C 160 23.43 -43.66 -7.38
CA GLN C 160 22.92 -42.81 -8.46
C GLN C 160 23.19 -41.34 -8.26
N SER C 161 23.25 -40.59 -9.35
CA SER C 161 23.54 -39.17 -9.28
C SER C 161 22.67 -38.33 -10.21
N GLY C 162 22.18 -37.22 -9.66
CA GLY C 162 21.44 -36.20 -10.42
C GLY C 162 20.12 -36.62 -11.04
N ASN C 163 19.61 -37.77 -10.61
CA ASN C 163 18.38 -38.31 -11.20
C ASN C 163 17.26 -38.58 -10.17
N SER C 164 17.37 -37.92 -9.02
CA SER C 164 16.35 -38.00 -7.98
C SER C 164 16.16 -36.66 -7.28
N GLN C 165 14.90 -36.30 -7.09
CA GLN C 165 14.57 -35.07 -6.39
C GLN C 165 13.98 -35.40 -5.03
N GLU C 166 14.21 -34.49 -4.08
CA GLU C 166 13.65 -34.59 -2.76
C GLU C 166 12.61 -33.50 -2.53
N SER C 167 11.56 -33.85 -1.77
CA SER C 167 10.63 -32.87 -1.23
C SER C 167 10.60 -33.04 0.28
N VAL C 168 10.54 -31.93 1.01
CA VAL C 168 10.47 -31.97 2.46
C VAL C 168 9.25 -31.21 2.90
N THR C 169 8.50 -31.75 3.84
CA THR C 169 7.37 -31.03 4.42
C THR C 169 7.87 -29.85 5.24
N GLU C 170 6.99 -28.87 5.45
CA GLU C 170 7.26 -27.86 6.46
C GLU C 170 7.21 -28.55 7.81
N GLN C 171 8.06 -28.09 8.73
CA GLN C 171 8.05 -28.62 10.09
C GLN C 171 6.62 -28.64 10.60
N ASP C 172 6.16 -29.84 10.95
CA ASP C 172 4.80 -30.05 11.41
C ASP C 172 4.54 -29.10 12.56
N SER C 173 3.40 -28.42 12.51
CA SER C 173 3.13 -27.39 13.51
C SER C 173 2.61 -28.01 14.81
N LYS C 174 2.24 -29.28 14.77
CA LYS C 174 1.79 -29.98 15.98
C LYS C 174 2.96 -30.73 16.66
N ASP C 175 3.57 -31.68 15.94
CA ASP C 175 4.60 -32.54 16.53
C ASP C 175 6.03 -32.14 16.17
N SER C 176 6.20 -31.00 15.50
CA SER C 176 7.53 -30.46 15.15
C SER C 176 8.41 -31.37 14.30
N THR C 177 7.83 -32.38 13.65
CA THR C 177 8.63 -33.28 12.83
C THR C 177 8.62 -32.93 11.34
N TYR C 178 9.50 -33.58 10.59
CA TYR C 178 9.56 -33.44 9.15
C TYR C 178 9.21 -34.75 8.46
N SER C 179 9.11 -34.71 7.15
CA SER C 179 8.93 -35.90 6.35
C SER C 179 9.54 -35.65 4.99
N LEU C 180 10.05 -36.71 4.37
CA LEU C 180 10.74 -36.54 3.10
C LEU C 180 10.37 -37.60 2.05
N SER C 181 10.18 -37.14 0.82
CA SER C 181 10.10 -38.04 -0.32
C SER C 181 11.34 -37.83 -1.19
N SER C 182 12.13 -38.89 -1.37
CA SER C 182 13.11 -38.93 -2.44
C SER C 182 12.53 -39.74 -3.59
N THR C 183 12.49 -39.12 -4.76
CA THR C 183 11.84 -39.67 -5.92
C THR C 183 12.85 -39.82 -7.05
N LEU C 184 13.16 -41.08 -7.37
CA LEU C 184 14.08 -41.41 -8.44
C LEU C 184 13.29 -41.71 -9.70
N THR C 185 13.48 -40.88 -10.72
CA THR C 185 12.76 -41.02 -11.98
C THR C 185 13.65 -41.72 -13.02
N LEU C 186 13.13 -42.80 -13.60
CA LEU C 186 13.85 -43.60 -14.60
C LEU C 186 13.00 -43.94 -15.83
N SER C 187 13.67 -44.44 -16.87
CA SER C 187 12.99 -44.90 -18.08
C SER C 187 12.69 -46.39 -17.99
N LYS C 188 11.62 -46.84 -18.64
CA LYS C 188 11.23 -48.26 -18.64
C LYS C 188 12.37 -49.18 -19.10
N ALA C 189 13.10 -48.74 -20.13
CA ALA C 189 14.23 -49.49 -20.68
C ALA C 189 15.37 -49.69 -19.66
N ASP C 190 15.76 -48.61 -18.97
CA ASP C 190 16.78 -48.71 -17.93
C ASP C 190 16.32 -49.49 -16.70
N TYR C 191 15.04 -49.33 -16.33
CA TYR C 191 14.48 -49.96 -15.13
C TYR C 191 14.42 -51.49 -15.23
N GLU C 192 14.14 -52.01 -16.42
CA GLU C 192 14.04 -53.46 -16.63
C GLU C 192 15.39 -54.19 -16.64
N LYS C 193 16.47 -53.47 -16.92
CA LYS C 193 17.83 -54.02 -16.91
C LYS C 193 18.32 -54.50 -15.52
N HIS C 194 17.90 -53.81 -14.46
CA HIS C 194 18.41 -54.05 -13.11
C HIS C 194 17.39 -54.75 -12.21
N LYS C 195 17.84 -55.26 -11.07
CA LYS C 195 16.96 -56.02 -10.17
C LYS C 195 16.96 -55.55 -8.71
N VAL C 196 18.14 -55.28 -8.15
CA VAL C 196 18.26 -54.82 -6.77
C VAL C 196 18.01 -53.32 -6.67
N TYR C 197 16.93 -52.96 -5.97
CA TYR C 197 16.55 -51.57 -5.74
C TYR C 197 16.38 -51.31 -4.26
N ALA C 198 17.07 -50.29 -3.77
CA ALA C 198 16.97 -49.88 -2.38
C ALA C 198 17.40 -48.44 -2.17
N CYS C 199 16.81 -47.78 -1.17
CA CYS C 199 17.34 -46.51 -0.66
C CYS C 199 18.00 -46.75 0.69
N GLU C 200 19.09 -46.00 0.94
CA GLU C 200 19.79 -46.07 2.22
C GLU C 200 19.72 -44.72 2.92
N VAL C 201 19.29 -44.75 4.17
CA VAL C 201 19.03 -43.54 4.93
C VAL C 201 20.05 -43.42 6.05
N THR C 202 20.52 -42.20 6.29
CA THR C 202 21.34 -41.89 7.46
C THR C 202 20.95 -40.54 8.08
N HIS C 203 20.86 -40.52 9.41
CA HIS C 203 20.23 -39.42 10.15
C HIS C 203 20.62 -39.47 11.63
N GLN C 204 20.84 -38.31 12.24
CA GLN C 204 21.28 -38.25 13.65
C GLN C 204 20.59 -39.27 14.58
N GLY C 205 19.28 -39.44 14.40
CA GLY C 205 18.49 -40.33 15.24
C GLY C 205 18.79 -41.80 15.02
N LEU C 206 19.62 -42.07 14.01
CA LEU C 206 20.06 -43.42 13.72
C LEU C 206 21.56 -43.56 13.99
N SER C 207 21.90 -44.49 14.88
CA SER C 207 23.29 -44.90 15.10
C SER C 207 23.75 -45.84 13.98
N SER C 208 22.82 -46.65 13.49
CA SER C 208 23.07 -47.57 12.38
C SER C 208 22.17 -47.25 11.19
N PRO C 209 22.76 -46.75 10.07
CA PRO C 209 22.05 -46.44 8.82
C PRO C 209 21.18 -47.57 8.31
N VAL C 210 19.96 -47.24 7.90
CA VAL C 210 18.94 -48.23 7.55
C VAL C 210 18.62 -48.23 6.05
N THR C 211 18.24 -49.40 5.55
CA THR C 211 17.87 -49.60 4.16
C THR C 211 16.58 -50.39 4.04
N LYS C 212 15.70 -49.95 3.15
CA LYS C 212 14.55 -50.74 2.75
C LYS C 212 14.67 -50.98 1.25
N SER C 213 14.31 -52.19 0.82
CA SER C 213 14.59 -52.66 -0.54
C SER C 213 13.49 -53.54 -1.13
N PHE C 214 13.52 -53.71 -2.45
CA PHE C 214 12.66 -54.65 -3.16
C PHE C 214 13.35 -55.14 -4.44
N ASN C 215 12.99 -56.35 -4.88
CA ASN C 215 13.47 -56.89 -6.15
C ASN C 215 12.38 -56.93 -7.22
N ARG C 216 12.70 -56.34 -8.38
CA ARG C 216 11.78 -56.13 -9.50
C ARG C 216 10.97 -57.36 -9.89
N GLY C 217 9.67 -57.34 -9.62
CA GLY C 217 8.78 -58.45 -9.98
C GLY C 217 8.05 -59.06 -8.79
N GLU C 218 8.51 -60.24 -8.37
CA GLU C 218 7.93 -60.94 -7.21
C GLU C 218 8.15 -60.24 -5.86
N CYS C 219 7.31 -60.58 -4.89
CA CYS C 219 7.28 -59.94 -3.57
C CYS C 219 7.46 -60.96 -2.43
N VAL D 2 -9.88 -10.87 6.35
CA VAL D 2 -11.15 -10.33 6.97
C VAL D 2 -11.20 -8.77 7.09
N PRO D 3 -10.05 -8.08 6.94
CA PRO D 3 -10.19 -6.64 6.64
C PRO D 3 -10.21 -6.33 5.13
N LEU D 4 -9.59 -7.20 4.33
CA LEU D 4 -9.51 -7.03 2.87
C LEU D 4 -9.81 -8.33 2.15
N VAL D 5 -9.80 -8.27 0.83
CA VAL D 5 -9.84 -9.45 -0.02
C VAL D 5 -9.25 -9.03 -1.34
N GLU D 6 -8.11 -9.58 -1.73
CA GLU D 6 -7.62 -9.29 -3.06
C GLU D 6 -8.04 -10.35 -4.08
N SER D 7 -8.21 -9.96 -5.34
CA SER D 7 -8.84 -10.84 -6.32
C SER D 7 -8.40 -10.54 -7.75
N GLY D 8 -8.76 -11.43 -8.66
CA GLY D 8 -8.53 -11.21 -10.07
C GLY D 8 -7.16 -11.65 -10.53
N GLY D 9 -6.54 -12.55 -9.76
CA GLY D 9 -5.29 -13.17 -10.19
C GLY D 9 -5.58 -14.20 -11.26
N GLY D 10 -4.63 -15.06 -11.54
CA GLY D 10 -4.87 -16.11 -12.51
C GLY D 10 -3.65 -16.37 -13.35
N LEU D 11 -3.83 -17.24 -14.34
CA LEU D 11 -2.75 -17.63 -15.22
C LEU D 11 -2.81 -16.79 -16.49
N VAL D 12 -1.66 -16.29 -16.92
CA VAL D 12 -1.55 -15.52 -18.18
C VAL D 12 -0.23 -15.73 -18.91
N GLN D 13 -0.26 -15.41 -20.20
CA GLN D 13 0.89 -15.47 -21.10
C GLN D 13 1.83 -14.32 -20.82
N PRO D 14 3.13 -14.47 -21.19
CA PRO D 14 3.95 -13.27 -21.25
C PRO D 14 3.31 -12.24 -22.18
N GLY D 15 3.49 -10.95 -21.88
CA GLY D 15 2.86 -9.91 -22.68
C GLY D 15 1.47 -9.51 -22.19
N GLY D 16 0.74 -10.49 -21.65
CA GLY D 16 -0.65 -10.30 -21.24
C GLY D 16 -0.92 -9.26 -20.14
N SER D 17 -2.15 -9.24 -19.67
CA SER D 17 -2.56 -8.22 -18.72
C SER D 17 -3.58 -8.71 -17.69
N LEU D 18 -3.52 -8.12 -16.50
CA LEU D 18 -4.37 -8.49 -15.39
C LEU D 18 -4.74 -7.35 -14.46
N ARG D 19 -5.94 -7.41 -13.91
CA ARG D 19 -6.44 -6.34 -13.06
C ARG D 19 -6.82 -6.83 -11.68
N LEU D 20 -5.97 -6.48 -10.70
CA LEU D 20 -6.17 -6.89 -9.33
C LEU D 20 -7.06 -5.94 -8.54
N SER D 21 -8.02 -6.52 -7.82
CA SER D 21 -8.96 -5.74 -7.02
C SER D 21 -8.78 -6.04 -5.54
N CYS D 22 -8.90 -5.00 -4.71
CA CYS D 22 -8.73 -5.17 -3.28
C CYS D 22 -9.88 -4.50 -2.54
N ALA D 23 -10.85 -5.30 -2.10
CA ALA D 23 -12.07 -4.77 -1.48
C ALA D 23 -11.89 -4.60 0.03
N VAL D 24 -11.76 -3.35 0.46
CA VAL D 24 -11.53 -3.06 1.86
C VAL D 24 -12.87 -2.93 2.53
N SER D 25 -13.06 -3.66 3.61
CA SER D 25 -14.25 -3.54 4.46
C SER D 25 -13.87 -3.45 5.94
N GLY D 26 -12.59 -3.59 6.23
CA GLY D 26 -12.11 -3.68 7.61
C GLY D 26 -11.96 -2.33 8.27
N PHE D 27 -11.54 -1.34 7.47
CA PHE D 27 -11.27 0.01 7.95
C PHE D 27 -11.78 1.05 6.97
N THR D 28 -11.69 2.33 7.35
CA THR D 28 -12.10 3.41 6.45
C THR D 28 -11.00 3.75 5.44
N PHE D 29 -11.11 3.08 4.30
CA PHE D 29 -10.18 3.06 3.18
C PHE D 29 -9.73 4.42 2.71
N SER D 30 -10.63 5.40 2.82
CA SER D 30 -10.36 6.76 2.34
C SER D 30 -9.26 7.48 3.11
N ASN D 31 -8.95 7.00 4.32
CA ASN D 31 -7.91 7.59 5.16
C ASN D 31 -6.50 7.15 4.81
N TYR D 32 -6.36 6.08 4.04
CA TYR D 32 -5.09 5.38 3.97
C TYR D 32 -4.41 5.40 2.62
N GLY D 33 -3.16 5.85 2.62
CA GLY D 33 -2.29 5.54 1.50
C GLY D 33 -2.39 4.03 1.36
N MET D 34 -2.22 3.52 0.15
CA MET D 34 -2.33 2.08 -0.03
C MET D 34 -1.12 1.57 -0.78
N VAL D 35 -0.81 0.29 -0.56
CA VAL D 35 0.42 -0.32 -1.01
C VAL D 35 0.14 -1.70 -1.57
N TRP D 36 0.84 -2.05 -2.65
CA TRP D 36 0.90 -3.40 -3.17
C TRP D 36 2.25 -4.00 -2.85
N VAL D 37 2.26 -5.22 -2.32
CA VAL D 37 3.49 -5.92 -1.99
C VAL D 37 3.37 -7.30 -2.63
N ARG D 38 4.49 -7.88 -3.06
CA ARG D 38 4.43 -9.17 -3.76
C ARG D 38 5.48 -10.17 -3.29
N GLN D 39 5.21 -11.46 -3.50
CA GLN D 39 6.09 -12.52 -3.04
C GLN D 39 6.20 -13.66 -4.05
N ALA D 40 7.28 -13.68 -4.84
CA ALA D 40 7.52 -14.76 -5.78
C ALA D 40 7.50 -16.10 -5.03
N PRO D 41 6.87 -17.15 -5.62
CA PRO D 41 6.64 -18.43 -4.91
C PRO D 41 7.88 -18.94 -4.16
N GLY D 42 7.73 -19.11 -2.85
CA GLY D 42 8.82 -19.60 -1.98
C GLY D 42 10.03 -18.70 -1.92
N LYS D 43 9.79 -17.39 -1.84
CA LYS D 43 10.85 -16.38 -1.70
C LYS D 43 10.43 -15.20 -0.85
N GLY D 44 11.34 -14.25 -0.67
CA GLY D 44 11.08 -13.07 0.16
C GLY D 44 10.03 -12.10 -0.37
N LEU D 45 9.47 -11.31 0.55
CA LEU D 45 8.54 -10.22 0.22
C LEU D 45 9.23 -9.07 -0.51
N GLU D 46 8.46 -8.40 -1.36
CA GLU D 46 8.98 -7.37 -2.27
C GLU D 46 7.97 -6.25 -2.41
N TRP D 47 8.41 -5.01 -2.25
CA TRP D 47 7.53 -3.86 -2.37
C TRP D 47 7.28 -3.50 -3.82
N VAL D 48 6.05 -3.12 -4.13
CA VAL D 48 5.67 -2.88 -5.52
C VAL D 48 5.25 -1.44 -5.84
N ALA D 49 4.21 -0.93 -5.16
CA ALA D 49 3.64 0.39 -5.47
C ALA D 49 2.94 1.03 -4.28
N TYR D 50 2.72 2.35 -4.36
CA TYR D 50 2.05 3.12 -3.31
C TYR D 50 1.12 4.15 -3.93
N ILE D 51 0.04 4.51 -3.24
CA ILE D 51 -0.84 5.59 -3.70
C ILE D 51 -1.28 6.50 -2.55
N ASP D 52 -1.35 7.80 -2.81
CA ASP D 52 -2.01 8.80 -1.94
C ASP D 52 -3.43 8.36 -1.58
N SER D 53 -3.97 8.87 -0.47
CA SER D 53 -5.38 8.62 -0.15
C SER D 53 -6.30 9.37 -1.13
N ASP D 54 -5.84 10.55 -1.57
CA ASP D 54 -6.56 11.35 -2.54
C ASP D 54 -6.57 10.61 -3.86
N GLY D 55 -5.40 10.13 -4.26
CA GLY D 55 -5.23 9.36 -5.49
C GLY D 55 -4.33 10.04 -6.48
N ASP D 56 -3.64 11.10 -6.06
CA ASP D 56 -2.81 11.85 -7.01
C ASP D 56 -1.32 11.92 -6.62
N ASN D 57 -0.78 10.77 -6.23
CA ASN D 57 0.65 10.56 -6.03
C ASN D 57 0.95 9.09 -6.00
N THR D 58 1.89 8.64 -6.82
CA THR D 58 2.15 7.20 -6.97
C THR D 58 3.63 6.87 -7.18
N TYR D 59 4.05 5.75 -6.61
CA TYR D 59 5.43 5.32 -6.68
C TYR D 59 5.46 3.85 -7.08
N TYR D 60 6.56 3.45 -7.72
CA TYR D 60 6.70 2.10 -8.27
C TYR D 60 8.14 1.63 -8.11
N ARG D 61 8.33 0.31 -8.04
CA ARG D 61 9.69 -0.20 -8.14
C ARG D 61 10.12 -0.11 -9.60
N ASP D 62 11.36 0.30 -9.84
CA ASP D 62 11.81 0.48 -11.23
C ASP D 62 12.33 -0.81 -11.85
N SER D 63 11.41 -1.76 -11.96
CA SER D 63 11.58 -2.98 -12.72
C SER D 63 10.19 -3.24 -13.23
N VAL D 64 9.42 -2.14 -13.30
CA VAL D 64 7.96 -2.20 -13.39
C VAL D 64 7.38 -0.85 -13.86
N LYS D 65 8.19 0.21 -13.77
CA LYS D 65 7.73 1.60 -13.97
C LYS D 65 6.71 1.80 -15.11
N GLY D 66 7.10 1.51 -16.33
CA GLY D 66 6.22 1.78 -17.48
C GLY D 66 5.06 0.82 -17.65
N ARG D 67 5.09 -0.29 -16.91
CA ARG D 67 4.26 -1.45 -17.20
C ARG D 67 3.03 -1.59 -16.31
N PHE D 68 3.16 -1.17 -15.05
CA PHE D 68 2.08 -1.34 -14.08
C PHE D 68 1.44 -0.02 -13.73
N THR D 69 0.25 -0.06 -13.15
CA THR D 69 -0.45 1.16 -12.74
C THR D 69 -1.41 0.96 -11.56
N ILE D 70 -0.96 1.44 -10.40
CA ILE D 70 -1.77 1.47 -9.20
C ILE D 70 -2.83 2.58 -9.32
N SER D 71 -3.93 2.44 -8.60
CA SER D 71 -5.06 3.37 -8.65
C SER D 71 -6.06 3.00 -7.58
N ARG D 72 -6.94 3.92 -7.22
CA ARG D 72 -7.96 3.62 -6.23
C ARG D 72 -9.28 4.25 -6.58
N ASP D 73 -10.36 3.62 -6.09
CA ASP D 73 -11.66 4.21 -6.20
C ASP D 73 -12.26 4.25 -4.81
N ASN D 74 -11.98 5.34 -4.11
CA ASN D 74 -12.48 5.55 -2.77
C ASN D 74 -14.00 5.35 -2.72
N ALA D 75 -14.63 5.56 -3.87
CA ALA D 75 -16.06 5.35 -4.02
C ALA D 75 -16.47 3.91 -3.68
N LYS D 76 -15.74 2.94 -4.22
CA LYS D 76 -15.96 1.54 -3.86
C LYS D 76 -14.86 1.00 -2.91
N SER D 77 -14.45 1.84 -1.96
CA SER D 77 -13.32 1.60 -1.06
C SER D 77 -12.43 0.44 -1.47
N SER D 78 -11.82 0.57 -2.65
CA SER D 78 -10.99 -0.49 -3.16
C SER D 78 -9.87 0.03 -4.02
N LEU D 79 -8.93 -0.84 -4.35
CA LEU D 79 -7.61 -0.46 -4.84
C LEU D 79 -7.26 -1.41 -5.96
N TYR D 80 -6.49 -0.93 -6.93
CA TYR D 80 -6.31 -1.68 -8.16
C TYR D 80 -4.87 -1.69 -8.59
N LEU D 81 -4.51 -2.75 -9.30
CA LEU D 81 -3.23 -2.80 -9.97
C LEU D 81 -3.51 -3.29 -11.36
N GLN D 82 -3.22 -2.43 -12.34
CA GLN D 82 -3.33 -2.82 -13.72
C GLN D 82 -1.91 -3.21 -14.13
N MET D 83 -1.74 -4.45 -14.53
CA MET D 83 -0.44 -4.95 -14.94
C MET D 83 -0.51 -5.34 -16.41
N ASN D 84 0.40 -4.77 -17.20
CA ASN D 84 0.48 -5.00 -18.63
C ASN D 84 1.90 -5.39 -18.98
N SER D 85 2.10 -5.91 -20.20
CA SER D 85 3.44 -6.28 -20.69
C SER D 85 4.17 -7.21 -19.68
N LEU D 86 3.39 -8.11 -19.08
CA LEU D 86 3.85 -9.06 -18.08
C LEU D 86 4.99 -9.96 -18.58
N ARG D 87 5.91 -10.24 -17.68
CA ARG D 87 6.97 -11.22 -17.96
C ARG D 87 7.19 -12.16 -16.76
N ALA D 88 8.02 -13.18 -16.96
CA ALA D 88 8.26 -14.26 -16.00
C ALA D 88 8.39 -13.84 -14.53
N GLU D 89 9.21 -12.83 -14.25
CA GLU D 89 9.52 -12.44 -12.86
C GLU D 89 8.36 -11.81 -12.09
N ASP D 90 7.24 -11.55 -12.77
CA ASP D 90 6.12 -10.93 -12.10
C ASP D 90 5.28 -11.98 -11.39
N THR D 91 5.63 -13.24 -11.59
CA THR D 91 4.94 -14.33 -10.90
C THR D 91 5.15 -14.16 -9.41
N ALA D 92 4.05 -14.18 -8.67
CA ALA D 92 4.10 -13.98 -7.23
C ALA D 92 2.69 -13.99 -6.70
N VAL D 93 2.54 -14.17 -5.39
CA VAL D 93 1.29 -13.82 -4.73
C VAL D 93 1.35 -12.32 -4.48
N TYR D 94 0.26 -11.63 -4.78
CA TYR D 94 0.20 -10.19 -4.62
C TYR D 94 -0.65 -9.84 -3.41
N TYR D 95 -0.06 -9.05 -2.51
CA TYR D 95 -0.69 -8.68 -1.25
C TYR D 95 -0.98 -7.17 -1.18
N CYS D 96 -2.13 -6.85 -0.59
CA CYS D 96 -2.65 -5.49 -0.52
C CYS D 96 -2.51 -5.00 0.92
N THR D 97 -1.85 -3.87 1.14
CA THR D 97 -1.79 -3.27 2.49
C THR D 97 -1.94 -1.78 2.52
N THR D 98 -1.86 -1.26 3.74
CA THR D 98 -1.93 0.15 4.03
C THR D 98 -0.57 0.81 3.91
N GLY D 99 -0.59 2.09 3.52
CA GLY D 99 0.56 3.00 3.61
C GLY D 99 0.36 3.87 4.84
N ILE D 100 0.68 5.16 4.76
CA ILE D 100 0.44 6.05 5.93
C ILE D 100 -1.07 6.07 6.25
N VAL D 101 -1.47 6.00 7.53
CA VAL D 101 -0.65 6.27 8.71
C VAL D 101 -0.30 5.04 9.60
N ARG D 102 -0.72 3.85 9.15
CA ARG D 102 -0.43 2.59 9.82
C ARG D 102 0.23 1.69 8.79
N PRO D 103 1.43 2.04 8.34
CA PRO D 103 1.94 1.26 7.23
C PRO D 103 2.01 -0.22 7.56
N PHE D 104 1.44 -1.04 6.67
CA PHE D 104 1.62 -2.50 6.66
C PHE D 104 0.87 -3.26 7.75
N LEU D 105 -0.21 -2.68 8.27
CA LEU D 105 -0.92 -3.26 9.40
C LEU D 105 -2.09 -4.16 8.99
N TYR D 106 -2.75 -3.84 7.89
CA TYR D 106 -3.90 -4.59 7.41
C TYR D 106 -3.51 -5.47 6.23
N TRP D 107 -3.87 -6.75 6.30
CA TRP D 107 -3.56 -7.71 5.24
C TRP D 107 -4.73 -8.61 4.85
N GLY D 108 -4.65 -9.18 3.65
CA GLY D 108 -5.61 -10.19 3.19
C GLY D 108 -4.93 -11.49 2.76
N GLN D 109 -5.69 -12.39 2.16
CA GLN D 109 -5.14 -13.73 1.83
C GLN D 109 -4.24 -13.77 0.60
N GLY D 110 -4.02 -12.62 -0.03
CA GLY D 110 -3.27 -12.58 -1.27
C GLY D 110 -4.07 -13.06 -2.46
N THR D 111 -3.47 -12.91 -3.64
CA THR D 111 -4.00 -13.48 -4.85
C THR D 111 -2.82 -13.87 -5.72
N LEU D 112 -2.90 -15.08 -6.28
CA LEU D 112 -1.79 -15.66 -7.02
C LEU D 112 -1.86 -15.28 -8.47
N VAL D 113 -0.76 -14.73 -8.96
CA VAL D 113 -0.62 -14.32 -10.34
C VAL D 113 0.52 -15.11 -10.91
N THR D 114 0.24 -15.95 -11.89
CA THR D 114 1.27 -16.81 -12.46
C THR D 114 1.47 -16.59 -13.97
N VAL D 115 2.69 -16.21 -14.34
CA VAL D 115 3.02 -15.79 -15.70
C VAL D 115 3.88 -16.83 -16.41
N SER D 116 3.29 -17.56 -17.35
CA SER D 116 4.02 -18.57 -18.13
C SER D 116 3.42 -18.82 -19.51
N SER D 117 4.26 -19.24 -20.46
CA SER D 117 3.81 -19.52 -21.82
C SER D 117 3.23 -20.92 -21.99
N ALA D 118 3.59 -21.83 -21.08
CA ALA D 118 3.14 -23.24 -21.13
C ALA D 118 1.66 -23.44 -20.80
N SER D 119 1.08 -24.53 -21.32
CA SER D 119 -0.36 -24.82 -21.22
C SER D 119 -0.75 -25.64 -19.99
N THR D 120 -2.03 -25.53 -19.62
CA THR D 120 -2.53 -26.27 -18.47
C THR D 120 -2.58 -27.75 -18.80
N LYS D 121 -1.80 -28.53 -18.07
CA LYS D 121 -1.81 -29.99 -18.19
C LYS D 121 -2.24 -30.60 -16.87
N GLY D 122 -3.20 -31.51 -16.94
CA GLY D 122 -3.64 -32.29 -15.78
C GLY D 122 -2.67 -33.42 -15.49
N PRO D 123 -2.56 -33.81 -14.21
CA PRO D 123 -1.56 -34.78 -13.80
C PRO D 123 -1.93 -36.26 -14.01
N SER D 124 -0.91 -37.07 -14.28
CA SER D 124 -1.07 -38.52 -14.22
C SER D 124 -1.03 -38.94 -12.75
N VAL D 125 -1.90 -39.89 -12.38
CA VAL D 125 -2.00 -40.33 -10.98
C VAL D 125 -1.74 -41.83 -10.84
N PHE D 126 -0.66 -42.15 -10.12
CA PHE D 126 -0.22 -43.52 -9.95
C PHE D 126 -0.15 -43.90 -8.48
N PRO D 127 -0.60 -45.11 -8.14
CA PRO D 127 -0.63 -45.51 -6.74
C PRO D 127 0.74 -45.98 -6.23
N LEU D 128 1.00 -45.72 -4.96
CA LEU D 128 2.20 -46.20 -4.29
C LEU D 128 1.77 -47.31 -3.36
N ALA D 129 1.87 -48.55 -3.85
CA ALA D 129 1.32 -49.71 -3.16
C ALA D 129 2.11 -50.06 -1.90
N PRO D 130 1.42 -50.51 -0.84
CA PRO D 130 2.09 -50.91 0.41
C PRO D 130 2.82 -52.23 0.30
N SER D 131 4.03 -52.28 0.87
CA SER D 131 4.90 -53.47 0.83
C SER D 131 4.21 -54.75 1.35
N SER D 132 4.60 -55.89 0.77
CA SER D 132 4.16 -57.21 1.24
C SER D 132 4.80 -57.57 2.60
N LYS D 133 6.11 -57.31 2.70
CA LYS D 133 6.87 -57.49 3.95
C LYS D 133 6.84 -56.20 4.76
N SER D 134 5.72 -55.97 5.45
CA SER D 134 5.51 -54.77 6.25
C SER D 134 4.89 -55.15 7.61
N THR D 135 5.34 -56.28 8.13
CA THR D 135 4.93 -56.84 9.45
C THR D 135 3.45 -57.30 9.49
N SER D 136 3.13 -58.17 10.46
CA SER D 136 1.74 -58.45 10.84
C SER D 136 1.45 -57.66 12.12
N GLY D 137 0.27 -57.06 12.20
CA GLY D 137 -0.07 -56.15 13.30
C GLY D 137 0.32 -54.73 12.95
N GLY D 138 1.57 -54.37 13.28
CA GLY D 138 2.24 -53.08 12.97
C GLY D 138 1.68 -52.05 12.00
N THR D 139 2.55 -51.14 11.57
CA THR D 139 2.13 -49.99 10.76
C THR D 139 2.58 -50.17 9.32
N ALA D 140 1.68 -49.90 8.39
CA ALA D 140 2.01 -49.87 6.95
C ALA D 140 1.72 -48.50 6.36
N ALA D 141 2.60 -48.08 5.46
CA ALA D 141 2.43 -46.84 4.75
C ALA D 141 2.01 -47.11 3.32
N LEU D 142 1.23 -46.19 2.77
CA LEU D 142 0.80 -46.25 1.38
C LEU D 142 0.42 -44.84 0.96
N GLY D 143 0.41 -44.60 -0.34
CA GLY D 143 -0.02 -43.31 -0.86
C GLY D 143 -0.17 -43.34 -2.35
N CYS D 144 -0.37 -42.18 -2.95
CA CYS D 144 -0.39 -42.10 -4.41
C CYS D 144 0.48 -40.97 -4.95
N LEU D 145 0.88 -41.11 -6.21
CA LEU D 145 1.80 -40.19 -6.85
C LEU D 145 1.09 -39.39 -7.94
N VAL D 146 1.27 -38.07 -7.90
CA VAL D 146 0.66 -37.14 -8.83
C VAL D 146 1.76 -36.52 -9.68
N LYS D 147 1.76 -36.83 -10.98
CA LYS D 147 2.91 -36.50 -11.81
C LYS D 147 2.57 -35.73 -13.08
N ASP D 148 3.46 -34.81 -13.46
CA ASP D 148 3.38 -34.01 -14.69
C ASP D 148 2.13 -33.14 -14.83
N TYR D 149 2.12 -32.03 -14.09
CA TYR D 149 1.00 -31.09 -14.12
C TYR D 149 1.47 -29.65 -14.07
N PHE D 150 0.61 -28.75 -14.57
CA PHE D 150 0.87 -27.32 -14.61
C PHE D 150 -0.45 -26.56 -14.76
N PRO D 151 -0.64 -25.49 -13.97
CA PRO D 151 0.28 -24.97 -12.97
C PRO D 151 -0.10 -25.46 -11.57
N GLU D 152 0.45 -24.78 -10.56
CA GLU D 152 0.03 -24.93 -9.16
C GLU D 152 -1.38 -24.36 -8.99
N PRO D 153 -2.14 -24.85 -7.99
CA PRO D 153 -1.78 -25.91 -7.08
C PRO D 153 -2.61 -27.15 -7.39
N VAL D 154 -2.40 -28.20 -6.61
CA VAL D 154 -3.25 -29.37 -6.67
C VAL D 154 -3.61 -29.78 -5.24
N THR D 155 -4.82 -30.24 -5.03
CA THR D 155 -5.23 -30.63 -3.68
C THR D 155 -5.45 -32.12 -3.61
N VAL D 156 -5.07 -32.72 -2.49
CA VAL D 156 -5.27 -34.16 -2.28
C VAL D 156 -6.02 -34.40 -0.98
N SER D 157 -7.03 -35.27 -1.04
CA SER D 157 -7.70 -35.74 0.16
C SER D 157 -7.86 -37.26 0.10
N TRP D 158 -8.04 -37.88 1.26
CA TRP D 158 -8.15 -39.34 1.36
C TRP D 158 -9.51 -39.75 1.89
N ASN D 159 -10.07 -40.80 1.31
CA ASN D 159 -11.43 -41.27 1.62
C ASN D 159 -12.42 -40.11 1.77
N SER D 160 -12.35 -39.16 0.83
CA SER D 160 -13.33 -38.06 0.69
C SER D 160 -13.41 -37.11 1.89
N GLY D 161 -12.25 -36.86 2.51
CA GLY D 161 -12.14 -35.97 3.66
C GLY D 161 -12.24 -36.69 4.99
N ALA D 162 -12.40 -38.02 4.92
CA ALA D 162 -12.59 -38.85 6.12
C ALA D 162 -11.31 -39.61 6.52
N LEU D 163 -10.15 -39.01 6.24
CA LEU D 163 -8.88 -39.53 6.72
C LEU D 163 -7.82 -38.45 6.76
N THR D 164 -7.57 -37.89 7.94
CA THR D 164 -6.56 -36.85 8.09
C THR D 164 -5.33 -37.34 8.84
N SER D 165 -5.55 -38.27 9.78
CA SER D 165 -4.50 -38.81 10.64
C SER D 165 -3.29 -39.35 9.88
N GLY D 166 -2.14 -38.71 10.07
CA GLY D 166 -0.90 -39.18 9.49
C GLY D 166 -0.91 -39.18 7.97
N VAL D 167 -1.50 -38.13 7.39
CA VAL D 167 -1.44 -37.89 5.96
C VAL D 167 -0.39 -36.83 5.74
N HIS D 168 0.52 -37.08 4.81
CA HIS D 168 1.47 -36.06 4.40
C HIS D 168 1.39 -35.85 2.91
N THR D 169 1.08 -34.62 2.53
CA THR D 169 1.14 -34.21 1.14
C THR D 169 2.34 -33.31 0.98
N PHE D 170 3.27 -33.75 0.14
CA PHE D 170 4.52 -33.05 -0.02
C PHE D 170 4.38 -31.81 -0.90
N PRO D 171 5.23 -30.80 -0.64
CA PRO D 171 5.31 -29.67 -1.53
C PRO D 171 5.76 -30.11 -2.91
N ALA D 172 4.96 -29.80 -3.92
CA ALA D 172 5.31 -30.07 -5.30
C ALA D 172 6.71 -29.56 -5.59
N VAL D 173 7.35 -30.14 -6.60
CA VAL D 173 8.63 -29.62 -7.06
C VAL D 173 8.69 -29.50 -8.58
N LEU D 174 9.45 -28.52 -9.05
CA LEU D 174 9.58 -28.29 -10.46
C LEU D 174 10.60 -29.25 -11.05
N GLN D 175 10.10 -30.21 -11.84
CA GLN D 175 10.96 -31.10 -12.64
C GLN D 175 11.52 -30.34 -13.84
N SER D 176 12.78 -30.61 -14.21
CA SER D 176 13.44 -29.85 -15.30
C SER D 176 12.66 -29.89 -16.63
N SER D 177 11.71 -30.82 -16.72
CA SER D 177 10.72 -30.85 -17.80
C SER D 177 9.79 -29.64 -17.82
N GLY D 178 9.92 -28.77 -16.82
CA GLY D 178 9.06 -27.57 -16.71
C GLY D 178 7.71 -27.82 -16.05
N LEU D 179 7.51 -29.04 -15.57
CA LEU D 179 6.24 -29.47 -14.95
C LEU D 179 6.45 -29.91 -13.50
N TYR D 180 5.35 -30.10 -12.76
CA TYR D 180 5.41 -30.40 -11.33
C TYR D 180 5.02 -31.81 -11.02
N SER D 181 5.49 -32.31 -9.88
CA SER D 181 5.00 -33.55 -9.27
C SER D 181 5.12 -33.54 -7.76
N LEU D 182 4.20 -34.24 -7.10
CA LEU D 182 4.28 -34.46 -5.67
C LEU D 182 3.69 -35.82 -5.34
N SER D 183 3.94 -36.29 -4.12
CA SER D 183 3.29 -37.49 -3.57
C SER D 183 2.48 -37.11 -2.36
N SER D 184 1.44 -37.91 -2.10
CA SER D 184 0.71 -37.85 -0.84
C SER D 184 0.68 -39.25 -0.26
N VAL D 185 1.15 -39.39 0.98
CA VAL D 185 1.25 -40.70 1.62
C VAL D 185 0.50 -40.70 2.93
N VAL D 186 0.23 -41.88 3.47
CA VAL D 186 -0.50 -42.03 4.72
C VAL D 186 -0.03 -43.27 5.45
N THR D 187 0.03 -43.22 6.78
CA THR D 187 0.31 -44.41 7.58
C THR D 187 -0.95 -44.92 8.26
N VAL D 188 -1.13 -46.23 8.19
CA VAL D 188 -2.31 -46.90 8.74
C VAL D 188 -1.87 -48.20 9.41
N PRO D 189 -2.78 -48.84 10.16
CA PRO D 189 -2.50 -50.19 10.69
C PRO D 189 -2.42 -51.26 9.59
N SER D 190 -1.31 -52.02 9.55
CA SER D 190 -1.14 -53.14 8.60
C SER D 190 -2.37 -54.02 8.47
N SER D 191 -3.11 -54.15 9.58
CA SER D 191 -4.30 -54.99 9.65
C SER D 191 -5.45 -54.44 8.82
N SER D 192 -5.40 -53.13 8.54
CA SER D 192 -6.40 -52.45 7.71
C SER D 192 -6.23 -52.77 6.23
N LEU D 193 -5.03 -53.22 5.86
CA LEU D 193 -4.78 -53.64 4.48
C LEU D 193 -5.73 -54.78 4.08
N GLY D 194 -6.82 -54.40 3.41
CA GLY D 194 -7.88 -55.35 3.06
C GLY D 194 -9.23 -54.89 3.57
N THR D 195 -9.43 -54.93 4.89
CA THR D 195 -10.71 -54.55 5.50
C THR D 195 -11.19 -53.14 5.07
N GLN D 196 -10.49 -52.10 5.52
CA GLN D 196 -10.74 -50.73 5.08
C GLN D 196 -10.21 -50.56 3.65
N THR D 197 -10.89 -49.73 2.86
CA THR D 197 -10.39 -49.43 1.52
C THR D 197 -9.97 -47.96 1.46
N TYR D 198 -8.86 -47.71 0.75
CA TYR D 198 -8.27 -46.38 0.70
C TYR D 198 -8.22 -45.78 -0.71
N ILE D 199 -8.74 -44.56 -0.84
CA ILE D 199 -8.78 -43.83 -2.13
C ILE D 199 -8.33 -42.37 -1.96
N CYS D 200 -7.39 -41.95 -2.80
CA CYS D 200 -6.99 -40.54 -2.84
C CYS D 200 -7.75 -39.73 -3.87
N ASN D 201 -8.21 -38.55 -3.44
CA ASN D 201 -8.95 -37.64 -4.29
C ASN D 201 -8.06 -36.48 -4.77
N VAL D 202 -7.53 -36.65 -5.98
CA VAL D 202 -6.68 -35.64 -6.61
C VAL D 202 -7.57 -34.71 -7.42
N ASN D 203 -7.39 -33.40 -7.24
CA ASN D 203 -8.10 -32.40 -8.03
C ASN D 203 -7.13 -31.37 -8.56
N HIS D 204 -7.04 -31.32 -9.89
CA HIS D 204 -6.35 -30.23 -10.56
C HIS D 204 -7.43 -29.44 -11.28
N LYS D 205 -7.75 -28.28 -10.74
CA LYS D 205 -8.82 -27.45 -11.24
C LYS D 205 -8.43 -26.69 -12.50
N PRO D 206 -7.20 -26.12 -12.57
CA PRO D 206 -6.80 -25.36 -13.76
C PRO D 206 -7.06 -26.10 -15.08
N SER D 207 -7.24 -27.42 -15.02
CA SER D 207 -7.51 -28.20 -16.21
C SER D 207 -8.72 -29.12 -16.05
N ASN D 208 -9.51 -28.88 -15.01
CA ASN D 208 -10.67 -29.71 -14.67
C ASN D 208 -10.38 -31.22 -14.59
N THR D 209 -9.25 -31.57 -13.98
CA THR D 209 -8.91 -32.97 -13.79
C THR D 209 -9.28 -33.44 -12.38
N LYS D 210 -9.95 -34.58 -12.30
CA LYS D 210 -10.32 -35.16 -11.03
C LYS D 210 -10.08 -36.66 -11.11
N VAL D 211 -9.21 -37.16 -10.25
CA VAL D 211 -8.93 -38.60 -10.18
C VAL D 211 -9.20 -39.16 -8.78
N ASP D 212 -9.99 -40.23 -8.71
CA ASP D 212 -10.14 -41.00 -7.48
C ASP D 212 -9.46 -42.35 -7.71
N LYS D 213 -8.21 -42.44 -7.28
CA LYS D 213 -7.42 -43.66 -7.48
C LYS D 213 -7.41 -44.53 -6.22
N LYS D 214 -7.65 -45.82 -6.44
CA LYS D 214 -7.69 -46.79 -5.36
C LYS D 214 -6.30 -47.37 -5.18
N VAL D 215 -5.88 -47.56 -3.93
CA VAL D 215 -4.55 -48.09 -3.64
C VAL D 215 -4.66 -49.53 -3.12
N GLU D 216 -4.03 -50.46 -3.84
CA GLU D 216 -4.14 -51.89 -3.53
C GLU D 216 -2.78 -52.55 -3.57
N PRO D 217 -2.61 -53.66 -2.83
CA PRO D 217 -1.33 -54.38 -2.84
C PRO D 217 -1.15 -55.25 -4.10
N LYS D 218 0.00 -55.10 -4.76
CA LYS D 218 0.28 -55.80 -6.01
C LYS D 218 0.50 -57.30 -5.78
CL CL E . -36.29 28.83 4.14
NA NA F . -12.08 15.26 15.91
CL CL G . 1.05 -15.41 9.60
NA NA H . -3.14 9.34 3.34
#